data_1R08
#
_entry.id   1R08
#
_cell.length_a   445.100
_cell.length_b   445.100
_cell.length_c   445.100
_cell.angle_alpha   90.00
_cell.angle_beta   90.00
_cell.angle_gamma   90.00
#
_symmetry.space_group_name_H-M   'P 21 3'
#
loop_
_entity.id
_entity.type
_entity.pdbx_description
1 polymer 'HUMAN RHINOVIRUS 14 COAT PROTEIN (SUBUNIT VP1)'
2 polymer 'HUMAN RHINOVIRUS 14 COAT PROTEIN (SUBUNIT VP2)'
3 polymer 'HUMAN RHINOVIRUS 14 COAT PROTEIN (SUBUNIT VP3)'
4 polymer 'HUMAN RHINOVIRUS 14 COAT PROTEIN (SUBUNIT VP4)'
5 non-polymer '5-(5-(2,6-DICHLORO-4-(4,5-DIHYDRO-2-OXAZOLYL)PHENOXY)PENTYL)-3-(HYDROXYETHYL OXYMETHYLENEOXYMETHYL) ISOXAZOLE'
#
loop_
_entity_poly.entity_id
_entity_poly.type
_entity_poly.pdbx_seq_one_letter_code
_entity_poly.pdbx_strand_id
1 'polypeptide(L)'
;GLGDELEEVIVEKTKQTVASISSGPKHTQKVPILTANETGATMPVLPSDSIETRTTYMHFNGSETDVECFLGRAACVHVT
EIQNKDATGIDNHREAKLFNDWKINLSSLVQLRKKLELFTYVRFDSEYTILATASQPDSANYSSNLVVQAMYVPPGAPNP
KEWDDYTWQSASNPSVFFKVGDTSRFSVPYVGLASAYNCFYDGYSHDDAETQYGITVLNHMGSMAFRIVNEHDEHKTLVK
IRVYHRAKHVEAWIPRAPRALPYTSIGRTNYPKNTEPVIKKRKGDIKSY
;
1
2 'polypeptide(L)'
;SPNVEACGYSDRVQQITLGNSTITTQEAANAVVCYAEWPEYLPDVDASDVNKTSKPDTSVCRFYTLDSKTWTTGSKGWCW
KLPDALKDMGVFGQNMFFHSLGRSGYTVHVQCNATKFHSGCLLVVVIPEHQLASHEGGNVSVKYTFTHPGERGIDLSSAN
EVGGPVKDVLYNMNGTLLGNLLIFPHQFINLRTNNTATIVIPYINSVPIDSMTRHNNVSLMVIPIAPLTVPTGATPSLPI
TVTIAPMCTEFSGIRSKSIVPQ
;
2
3 'polypeptide(L)'
;GLPTTTLPGSGQFLTTDDRQSPSALPNYEPTPRIHIPGKVHNLLEIIQVDTLIPMNNTHTKDEVNSYLIPLNANRQNEQV
FGTNLFIGDGVFKTTLLGEIVQYYTHWSGSLRFSLMYTGPALSSAKLILAYTPPGARGPQDRREAMLGTHVVWDIGLQST
IVMTIPWTSGVQFRYTDPDTYTSAGFLSCWYQTSLILPPETTGQVYLLSFISACPDFKLRLMKDTQTISQTVALTE
;
3
4 'polypeptide(L)' GAQVSTQKSGSHENQNILTNGSNQTFTVINYYKDAASTSSAGQSLSMDPSKFTEPVKDLMLKGAPALN 4
#
# COMPACT_ATOMS: atom_id res chain seq x y z
N THR A 17 -0.25 26.15 17.08
CA THR A 17 0.46 25.80 15.85
C THR A 17 0.30 26.58 14.53
N VAL A 18 1.44 27.00 13.91
CA VAL A 18 1.09 27.82 12.71
C VAL A 18 0.95 26.91 11.52
N ALA A 19 -0.06 27.18 10.72
CA ALA A 19 -0.30 26.47 9.47
C ALA A 19 0.49 27.14 8.34
N SER A 20 0.67 28.41 8.50
CA SER A 20 1.47 29.15 7.46
C SER A 20 2.11 30.29 8.23
N ILE A 21 3.36 30.61 7.91
CA ILE A 21 3.97 31.76 8.52
C ILE A 21 3.84 32.94 7.51
N SER A 22 4.23 34.09 7.99
CA SER A 22 4.15 35.26 7.10
C SER A 22 5.32 35.27 6.20
N SER A 23 5.32 35.44 4.97
CA SER A 23 6.67 35.44 4.22
C SER A 23 6.58 36.45 3.16
N GLY A 24 7.60 37.14 2.75
CA GLY A 24 7.45 38.28 1.74
C GLY A 24 8.24 37.99 0.52
N PRO A 25 8.59 39.01 -0.26
CA PRO A 25 9.29 38.84 -1.56
C PRO A 25 10.59 38.10 -1.30
N LYS A 26 11.19 37.42 -2.15
CA LYS A 26 12.42 36.62 -2.14
C LYS A 26 13.27 36.91 -3.38
N HIS A 27 14.54 37.04 -3.38
CA HIS A 27 15.35 37.19 -4.66
C HIS A 27 16.64 36.47 -4.25
N THR A 28 16.71 35.21 -4.12
CA THR A 28 17.76 34.46 -3.67
C THR A 28 18.45 33.51 -4.66
N GLN A 29 19.47 32.94 -4.10
CA GLN A 29 20.42 32.02 -4.68
C GLN A 29 20.03 30.68 -4.01
N LYS A 30 19.04 30.76 -3.18
CA LYS A 30 18.62 29.57 -2.38
C LYS A 30 17.23 29.18 -2.84
N VAL A 31 17.08 28.25 -3.75
CA VAL A 31 15.78 27.91 -4.36
C VAL A 31 15.19 26.67 -3.82
N PRO A 32 14.30 26.69 -2.85
CA PRO A 32 13.72 25.48 -2.28
C PRO A 32 12.79 24.74 -3.22
N ILE A 33 12.36 25.31 -4.32
CA ILE A 33 11.39 24.62 -5.17
C ILE A 33 12.07 23.83 -6.25
N LEU A 34 13.34 23.82 -6.44
CA LEU A 34 13.96 22.99 -7.52
C LEU A 34 14.46 21.72 -6.85
N THR A 35 14.03 20.57 -7.19
CA THR A 35 14.60 19.38 -6.51
C THR A 35 14.94 18.32 -7.47
N ALA A 36 15.31 17.12 -7.12
CA ALA A 36 15.60 15.98 -8.01
C ALA A 36 14.76 14.80 -7.56
N ASN A 37 13.59 14.51 -8.01
CA ASN A 37 12.71 13.47 -7.55
C ASN A 37 13.30 12.10 -7.76
N GLU A 38 14.41 12.05 -8.50
CA GLU A 38 14.97 10.75 -8.78
C GLU A 38 15.51 10.12 -7.51
N THR A 39 15.69 10.92 -6.47
CA THR A 39 16.32 10.53 -5.21
C THR A 39 15.38 9.70 -4.38
N GLY A 40 14.08 9.82 -4.59
CA GLY A 40 13.12 9.04 -3.84
C GLY A 40 12.59 9.88 -2.71
N ALA A 41 13.00 11.09 -2.54
CA ALA A 41 12.43 11.87 -1.38
C ALA A 41 11.25 12.68 -1.78
N THR A 42 10.34 13.06 -0.92
CA THR A 42 9.34 14.13 -1.21
C THR A 42 9.76 15.31 -0.32
N MET A 43 10.47 16.22 -0.91
CA MET A 43 10.93 17.43 -0.20
C MET A 43 9.76 18.21 0.35
N PRO A 44 9.86 18.59 1.60
CA PRO A 44 8.78 19.30 2.33
C PRO A 44 8.54 20.73 1.96
N VAL A 45 8.12 20.99 0.75
CA VAL A 45 7.87 22.36 0.26
C VAL A 45 6.52 22.84 0.75
N LEU A 46 6.46 24.12 1.06
CA LEU A 46 5.27 24.83 1.58
C LEU A 46 4.87 26.04 0.76
N PRO A 47 3.61 26.46 0.90
CA PRO A 47 3.14 27.65 0.18
C PRO A 47 4.09 28.78 0.34
N SER A 48 4.65 28.93 1.52
CA SER A 48 5.52 30.11 1.78
C SER A 48 6.85 29.89 1.12
N ASP A 49 7.07 29.08 0.18
CA ASP A 49 8.44 28.93 -0.40
C ASP A 49 8.37 29.56 -1.79
N SER A 50 7.09 29.72 -2.17
CA SER A 50 6.88 30.19 -3.53
C SER A 50 5.85 31.25 -3.64
N ILE A 51 5.05 31.68 -2.73
CA ILE A 51 4.22 32.87 -2.81
C ILE A 51 4.44 33.68 -1.53
N GLU A 52 3.93 34.87 -1.40
CA GLU A 52 4.04 35.66 -0.14
C GLU A 52 2.88 35.25 0.74
N THR A 53 2.99 34.75 1.94
CA THR A 53 1.91 34.30 2.82
C THR A 53 1.78 35.20 4.03
N ARG A 54 0.73 34.96 4.77
CA ARG A 54 0.35 35.71 6.00
C ARG A 54 0.28 34.67 7.10
N THR A 55 0.38 34.97 8.33
CA THR A 55 0.22 33.90 9.34
C THR A 55 -1.20 33.42 9.46
N THR A 56 -1.31 32.13 9.66
CA THR A 56 -2.59 31.44 9.93
C THR A 56 -2.24 30.26 10.85
N TYR A 57 -3.19 29.90 11.71
CA TYR A 57 -3.00 28.72 12.61
C TYR A 57 -3.78 27.54 12.16
N MET A 58 -3.34 26.39 12.63
CA MET A 58 -3.94 25.09 12.19
C MET A 58 -5.26 24.89 12.82
N HIS A 59 -5.41 25.14 14.09
CA HIS A 59 -6.75 24.83 14.67
C HIS A 59 -7.08 23.36 14.44
N PHE A 60 -6.20 22.43 14.37
CA PHE A 60 -6.62 21.01 14.06
C PHE A 60 -5.58 20.04 14.48
N ASN A 61 -5.77 18.83 14.90
CA ASN A 61 -4.77 17.93 15.33
C ASN A 61 -4.60 16.73 14.51
N GLY A 62 -5.53 16.36 13.70
CA GLY A 62 -5.33 15.13 12.89
C GLY A 62 -5.72 13.92 13.73
N SER A 63 -6.60 14.06 14.66
CA SER A 63 -7.16 13.08 15.51
C SER A 63 -7.84 11.87 14.83
N GLU A 64 -8.61 12.22 13.79
CA GLU A 64 -9.57 11.25 13.15
C GLU A 64 -8.99 10.50 11.99
N THR A 65 -7.68 10.63 11.85
CA THR A 65 -6.91 9.98 10.81
C THR A 65 -5.87 9.10 11.52
N ASP A 66 -5.96 9.05 12.82
CA ASP A 66 -5.08 8.12 13.56
C ASP A 66 -5.39 6.72 13.12
N VAL A 67 -4.50 5.79 12.95
CA VAL A 67 -4.91 4.45 12.49
C VAL A 67 -5.83 3.83 13.53
N GLU A 68 -5.78 4.24 14.79
CA GLU A 68 -6.69 3.51 15.74
C GLU A 68 -8.08 3.90 15.36
N CYS A 69 -8.28 5.09 14.92
CA CYS A 69 -9.60 5.62 14.61
C CYS A 69 -10.07 5.03 13.28
N PHE A 70 -9.13 4.97 12.36
CA PHE A 70 -9.44 4.51 10.98
C PHE A 70 -9.93 3.07 11.01
N LEU A 71 -9.32 2.18 11.79
CA LEU A 71 -9.70 0.79 11.80
C LEU A 71 -10.60 0.51 13.01
N GLY A 72 -10.84 1.52 13.80
CA GLY A 72 -11.58 1.26 15.05
C GLY A 72 -13.05 1.32 15.02
N ARG A 73 -13.78 1.21 13.98
CA ARG A 73 -15.32 1.23 14.08
C ARG A 73 -15.75 -0.14 13.64
N ALA A 74 -16.85 -0.63 14.09
CA ALA A 74 -17.36 -1.96 13.67
C ALA A 74 -17.65 -2.04 12.20
N ALA A 75 -17.26 -3.02 11.46
CA ALA A 75 -17.57 -3.24 10.04
C ALA A 75 -18.25 -4.60 9.92
N CYS A 76 -19.18 -4.78 9.01
CA CYS A 76 -19.82 -6.13 8.87
C CYS A 76 -18.80 -7.05 8.22
N VAL A 77 -18.52 -8.14 8.81
CA VAL A 77 -17.48 -9.00 8.22
C VAL A 77 -18.10 -10.28 7.73
N HIS A 78 -19.35 -10.58 7.99
CA HIS A 78 -19.88 -11.93 7.63
C HIS A 78 -21.37 -12.01 7.83
N VAL A 79 -22.06 -12.58 6.85
CA VAL A 79 -23.51 -12.80 7.08
C VAL A 79 -23.76 -14.27 6.84
N THR A 80 -24.27 -15.02 7.70
CA THR A 80 -24.54 -16.45 7.49
C THR A 80 -25.98 -16.67 7.84
N GLU A 81 -26.43 -17.92 7.76
CA GLU A 81 -27.83 -18.22 8.16
C GLU A 81 -27.98 -19.71 8.53
N ILE A 82 -28.80 -19.90 9.52
CA ILE A 82 -29.15 -21.20 10.09
C ILE A 82 -30.66 -21.26 10.24
N GLN A 83 -31.27 -22.45 10.27
CA GLN A 83 -32.73 -22.49 10.54
C GLN A 83 -33.11 -23.47 11.67
N ASN A 84 -34.25 -23.18 12.25
CA ASN A 84 -34.75 -24.06 13.34
C ASN A 84 -35.83 -24.85 12.61
N LYS A 85 -35.67 -26.12 12.56
CA LYS A 85 -36.74 -26.95 11.88
C LYS A 85 -36.59 -28.35 12.39
N ASP A 86 -37.55 -29.23 12.17
CA ASP A 86 -37.46 -30.62 12.64
C ASP A 86 -36.32 -31.38 11.93
N ALA A 87 -35.35 -31.88 12.74
CA ALA A 87 -34.18 -32.49 12.10
C ALA A 87 -34.47 -33.96 11.79
N THR A 88 -35.64 -34.33 12.22
CA THR A 88 -36.08 -35.71 11.95
C THR A 88 -35.94 -36.03 10.47
N GLY A 89 -35.15 -37.14 10.30
CA GLY A 89 -34.76 -37.60 8.95
C GLY A 89 -33.80 -36.72 8.19
N ILE A 90 -32.96 -35.91 8.91
CA ILE A 90 -32.06 -35.03 8.06
C ILE A 90 -30.74 -35.78 8.12
N ASP A 91 -30.22 -36.00 6.92
CA ASP A 91 -28.95 -36.85 7.05
C ASP A 91 -27.77 -35.99 7.21
N ASN A 92 -27.95 -34.66 7.09
CA ASN A 92 -26.72 -33.80 7.09
C ASN A 92 -27.12 -32.41 7.59
N HIS A 93 -26.97 -32.31 8.91
CA HIS A 93 -27.45 -31.12 9.60
C HIS A 93 -26.77 -29.89 9.00
N ARG A 94 -25.50 -30.16 8.76
CA ARG A 94 -24.66 -28.99 8.31
C ARG A 94 -25.26 -28.52 7.02
N GLU A 95 -25.59 -29.53 6.20
CA GLU A 95 -26.18 -29.20 4.94
C GLU A 95 -27.56 -28.63 5.00
N ALA A 96 -28.35 -28.84 6.01
CA ALA A 96 -29.73 -28.30 6.13
C ALA A 96 -29.71 -26.92 6.79
N LYS A 97 -28.49 -26.38 7.03
CA LYS A 97 -28.30 -25.19 7.81
C LYS A 97 -28.96 -25.41 9.21
N LEU A 98 -28.84 -26.61 9.70
CA LEU A 98 -29.35 -26.85 11.07
C LEU A 98 -28.43 -26.21 12.08
N PHE A 99 -27.29 -25.92 11.55
CA PHE A 99 -26.22 -25.26 12.23
C PHE A 99 -25.32 -24.85 11.13
N ASN A 100 -24.27 -24.23 11.44
CA ASN A 100 -23.45 -23.80 10.36
C ASN A 100 -22.15 -23.31 10.83
N ASP A 101 -21.37 -22.95 9.86
CA ASP A 101 -20.09 -22.46 10.22
C ASP A 101 -19.50 -21.51 9.23
N TRP A 102 -18.56 -20.89 9.83
CA TRP A 102 -17.77 -19.84 9.28
C TRP A 102 -16.29 -20.21 9.24
N LYS A 103 -15.61 -20.24 8.11
CA LYS A 103 -14.14 -20.46 8.23
C LYS A 103 -13.61 -19.06 8.48
N ILE A 104 -13.28 -18.77 9.73
CA ILE A 104 -12.95 -17.38 10.14
C ILE A 104 -11.90 -16.76 9.22
N ASN A 105 -12.01 -15.45 9.09
CA ASN A 105 -11.21 -14.69 8.12
C ASN A 105 -11.80 -13.27 8.05
N LEU A 106 -11.12 -12.29 7.47
CA LEU A 106 -11.67 -10.88 7.52
C LEU A 106 -11.79 -10.27 6.14
N SER A 107 -10.97 -10.81 5.31
CA SER A 107 -10.86 -10.45 3.91
C SER A 107 -12.01 -11.05 3.07
N SER A 108 -13.05 -11.53 3.72
CA SER A 108 -14.26 -12.05 2.97
C SER A 108 -15.18 -10.90 2.47
N LEU A 109 -15.40 -9.93 3.30
CA LEU A 109 -16.16 -8.74 2.86
C LEU A 109 -15.17 -7.59 2.59
N VAL A 110 -15.37 -6.95 1.45
CA VAL A 110 -14.38 -5.98 0.91
C VAL A 110 -14.31 -4.59 1.58
N GLN A 111 -15.39 -3.92 1.92
CA GLN A 111 -15.26 -2.56 2.52
C GLN A 111 -14.13 -2.56 3.50
N LEU A 112 -14.22 -3.25 4.65
CA LEU A 112 -13.11 -3.34 5.60
C LEU A 112 -11.86 -3.86 4.93
N ARG A 113 -11.92 -4.81 4.03
CA ARG A 113 -10.69 -5.38 3.42
C ARG A 113 -9.83 -4.35 2.78
N LYS A 114 -10.36 -3.47 1.97
CA LYS A 114 -9.52 -2.46 1.29
C LYS A 114 -8.81 -1.62 2.34
N LYS A 115 -9.49 -1.24 3.42
CA LYS A 115 -8.96 -0.46 4.53
C LYS A 115 -7.77 -1.18 5.15
N LEU A 116 -7.89 -2.46 5.50
CA LEU A 116 -6.78 -3.14 6.12
C LEU A 116 -5.59 -3.29 5.17
N GLU A 117 -5.89 -3.43 3.89
CA GLU A 117 -4.74 -3.81 2.98
C GLU A 117 -3.99 -2.60 2.52
N LEU A 118 -4.19 -1.52 3.22
CA LEU A 118 -3.42 -0.25 3.01
C LEU A 118 -2.06 -0.42 3.73
N PHE A 119 -1.91 -1.41 4.58
CA PHE A 119 -0.84 -1.83 5.41
C PHE A 119 -0.42 -3.28 5.09
N THR A 120 0.82 -3.66 5.36
CA THR A 120 1.30 -5.00 5.13
C THR A 120 1.11 -5.91 6.31
N TYR A 121 1.44 -5.50 7.52
CA TYR A 121 1.29 -6.26 8.78
C TYR A 121 0.38 -5.42 9.70
N VAL A 122 -0.42 -6.06 10.45
CA VAL A 122 -1.44 -5.24 11.29
C VAL A 122 -1.53 -6.00 12.55
N ARG A 123 -1.68 -5.40 13.68
CA ARG A 123 -1.80 -6.13 14.98
C ARG A 123 -2.89 -5.39 15.76
N PHE A 124 -3.87 -6.14 16.28
CA PHE A 124 -4.98 -5.51 17.04
C PHE A 124 -5.77 -6.52 17.82
N ASP A 125 -6.53 -6.12 18.83
CA ASP A 125 -7.51 -6.99 19.53
C ASP A 125 -8.82 -6.85 18.74
N SER A 126 -9.70 -7.77 18.78
CA SER A 126 -10.94 -7.67 18.03
C SER A 126 -12.09 -7.55 18.98
N GLU A 127 -13.02 -6.73 18.63
CA GLU A 127 -14.27 -6.76 19.42
C GLU A 127 -15.33 -7.11 18.44
N TYR A 128 -16.08 -8.09 18.76
CA TYR A 128 -17.08 -8.55 17.84
C TYR A 128 -18.47 -8.33 18.39
N THR A 129 -19.35 -8.00 17.48
CA THR A 129 -20.78 -7.83 17.78
C THR A 129 -21.51 -8.78 16.88
N ILE A 130 -22.44 -9.55 17.35
CA ILE A 130 -23.17 -10.50 16.47
C ILE A 130 -24.63 -10.16 16.52
N LEU A 131 -25.23 -9.71 15.48
CA LEU A 131 -26.70 -9.41 15.47
C LEU A 131 -27.38 -10.61 14.83
N ALA A 132 -28.46 -11.12 15.30
CA ALA A 132 -29.22 -12.26 14.78
C ALA A 132 -30.65 -11.87 14.58
N THR A 133 -31.24 -11.92 13.45
CA THR A 133 -32.72 -11.50 13.37
C THR A 133 -33.46 -12.66 12.81
N ALA A 134 -34.76 -12.81 13.07
CA ALA A 134 -35.43 -14.03 12.53
C ALA A 134 -36.41 -13.59 11.47
N SER A 135 -36.67 -14.46 10.56
CA SER A 135 -37.58 -14.37 9.44
C SER A 135 -38.48 -15.63 9.44
N GLN A 136 -39.69 -15.39 9.06
CA GLN A 136 -40.66 -16.55 8.98
C GLN A 136 -41.38 -16.43 7.66
N PRO A 137 -40.66 -16.73 6.58
CA PRO A 137 -41.22 -16.57 5.25
C PRO A 137 -42.45 -17.38 5.04
N ASP A 138 -42.81 -18.40 5.77
CA ASP A 138 -44.11 -19.01 5.32
C ASP A 138 -45.00 -19.31 6.49
N SER A 139 -46.15 -18.73 6.46
CA SER A 139 -47.20 -19.01 7.42
C SER A 139 -46.81 -19.55 8.76
N ALA A 140 -46.83 -18.68 9.77
CA ALA A 140 -46.55 -19.18 11.16
C ALA A 140 -47.60 -18.54 12.06
N ASN A 141 -47.95 -19.17 13.14
CA ASN A 141 -48.95 -18.55 14.02
C ASN A 141 -48.36 -17.39 14.81
N TYR A 142 -47.05 -17.58 14.98
CA TYR A 142 -46.27 -16.69 15.77
C TYR A 142 -44.79 -16.75 15.46
N SER A 143 -44.13 -15.83 16.18
CA SER A 143 -42.65 -15.66 16.14
C SER A 143 -42.03 -16.36 17.29
N SER A 144 -41.22 -17.36 17.11
CA SER A 144 -40.84 -18.09 18.46
C SER A 144 -39.72 -17.41 19.12
N ASN A 145 -39.32 -17.69 20.37
CA ASN A 145 -38.08 -17.02 20.82
C ASN A 145 -36.99 -18.04 21.07
N LEU A 146 -36.09 -17.92 20.11
CA LEU A 146 -34.91 -18.70 19.89
C LEU A 146 -33.68 -18.09 20.58
N VAL A 147 -32.85 -18.94 21.09
CA VAL A 147 -31.57 -18.59 21.67
C VAL A 147 -30.50 -19.10 20.73
N VAL A 148 -29.58 -18.32 20.21
CA VAL A 148 -28.48 -18.79 19.37
C VAL A 148 -27.31 -19.22 20.21
N GLN A 149 -26.48 -20.09 19.85
CA GLN A 149 -25.24 -20.43 20.63
C GLN A 149 -24.16 -20.41 19.59
N ALA A 150 -23.05 -19.86 19.87
CA ALA A 150 -22.08 -19.83 18.80
C ALA A 150 -20.66 -19.82 19.28
N MET A 151 -20.25 -21.03 19.36
CA MET A 151 -18.95 -21.53 19.74
C MET A 151 -17.77 -21.32 18.77
N TYR A 152 -16.66 -20.82 19.30
CA TYR A 152 -15.39 -20.72 18.53
C TYR A 152 -14.93 -22.15 18.38
N VAL A 153 -14.30 -22.53 17.31
CA VAL A 153 -13.92 -23.96 17.20
C VAL A 153 -12.53 -24.09 16.65
N PRO A 154 -11.53 -23.99 17.51
CA PRO A 154 -10.13 -23.93 17.15
C PRO A 154 -9.70 -24.94 16.18
N PRO A 155 -8.56 -24.65 15.56
CA PRO A 155 -7.92 -25.51 14.62
C PRO A 155 -7.41 -26.67 15.37
N GLY A 156 -8.29 -27.61 15.56
CA GLY A 156 -7.90 -28.80 16.26
C GLY A 156 -8.88 -29.22 17.35
N ALA A 157 -10.09 -28.76 17.29
CA ALA A 157 -11.11 -29.21 18.25
C ALA A 157 -12.24 -29.77 17.42
N PRO A 158 -12.98 -30.78 17.86
CA PRO A 158 -13.91 -31.45 16.99
C PRO A 158 -14.86 -30.51 16.43
N ASN A 159 -15.03 -30.68 15.17
CA ASN A 159 -16.03 -29.94 14.49
C ASN A 159 -17.31 -30.65 14.88
N PRO A 160 -18.36 -29.92 15.15
CA PRO A 160 -19.62 -30.48 15.57
C PRO A 160 -20.35 -30.98 14.38
N LYS A 161 -20.86 -32.20 14.45
CA LYS A 161 -21.49 -32.82 13.27
C LYS A 161 -22.96 -32.71 13.23
N GLU A 162 -23.65 -32.83 14.27
CA GLU A 162 -25.10 -32.59 14.28
C GLU A 162 -25.36 -31.34 15.03
N TRP A 163 -26.59 -30.86 15.02
CA TRP A 163 -26.86 -29.59 15.73
C TRP A 163 -26.93 -29.83 17.18
N ASP A 164 -26.82 -31.11 17.60
CA ASP A 164 -26.77 -31.29 19.08
C ASP A 164 -25.78 -32.28 19.63
N ASP A 165 -24.63 -32.51 19.02
CA ASP A 165 -23.44 -33.20 19.30
C ASP A 165 -22.90 -32.93 20.72
N TYR A 166 -21.92 -33.76 21.06
CA TYR A 166 -21.27 -33.55 22.42
C TYR A 166 -20.48 -32.26 22.30
N THR A 167 -20.03 -31.95 21.08
CA THR A 167 -19.25 -30.73 20.81
C THR A 167 -19.82 -29.47 21.44
N TRP A 168 -21.16 -29.39 21.37
CA TRP A 168 -21.82 -28.16 21.84
C TRP A 168 -21.72 -28.02 23.33
N GLN A 169 -21.24 -29.02 24.01
CA GLN A 169 -21.06 -28.96 25.49
C GLN A 169 -20.07 -27.82 25.77
N SER A 170 -19.14 -27.78 24.84
CA SER A 170 -18.12 -26.69 24.81
C SER A 170 -17.57 -26.45 26.18
N ALA A 171 -16.99 -27.47 26.76
CA ALA A 171 -16.49 -27.40 28.13
C ALA A 171 -15.19 -26.66 28.22
N SER A 172 -14.47 -26.64 27.13
CA SER A 172 -13.19 -25.91 27.17
C SER A 172 -13.17 -24.82 26.16
N ASN A 173 -14.11 -24.57 25.38
CA ASN A 173 -14.14 -23.66 24.19
C ASN A 173 -15.06 -22.55 24.46
N PRO A 174 -14.68 -21.31 24.33
CA PRO A 174 -15.58 -20.19 24.75
C PRO A 174 -16.82 -20.19 23.95
N SER A 175 -17.98 -20.17 24.61
CA SER A 175 -19.23 -19.99 23.70
C SER A 175 -20.15 -18.98 24.33
N VAL A 176 -20.94 -18.20 23.59
CA VAL A 176 -21.84 -17.22 24.06
C VAL A 176 -23.32 -17.66 23.66
N PHE A 177 -24.28 -17.55 24.50
CA PHE A 177 -25.70 -17.85 24.17
C PHE A 177 -26.45 -16.52 24.19
N PHE A 178 -27.07 -16.05 23.21
CA PHE A 178 -27.88 -14.80 23.24
C PHE A 178 -29.19 -15.03 22.54
N LYS A 179 -30.12 -14.13 22.56
CA LYS A 179 -31.44 -14.33 21.93
C LYS A 179 -31.46 -13.73 20.55
N VAL A 180 -32.16 -14.42 19.67
CA VAL A 180 -32.37 -13.84 18.29
C VAL A 180 -32.95 -12.46 18.43
N GLY A 181 -32.53 -11.43 17.72
CA GLY A 181 -33.16 -10.08 17.85
C GLY A 181 -32.27 -9.23 18.72
N ASP A 182 -31.56 -9.91 19.61
CA ASP A 182 -30.54 -9.25 20.41
C ASP A 182 -29.22 -9.45 19.67
N THR A 183 -28.23 -8.97 20.31
CA THR A 183 -26.84 -8.84 19.97
C THR A 183 -25.94 -9.42 20.98
N SER A 184 -24.86 -9.94 20.56
CA SER A 184 -23.90 -10.56 21.59
C SER A 184 -22.61 -9.80 21.38
N ARG A 185 -21.80 -9.61 22.35
CA ARG A 185 -20.59 -8.82 22.18
C ARG A 185 -19.53 -9.29 23.09
N PHE A 186 -18.39 -9.51 22.63
CA PHE A 186 -17.30 -9.93 23.48
C PHE A 186 -16.04 -9.58 22.77
N SER A 187 -14.90 -9.83 23.31
CA SER A 187 -13.65 -9.19 22.54
C SER A 187 -12.63 -10.25 22.64
N VAL A 188 -11.79 -10.45 21.65
CA VAL A 188 -10.81 -11.65 21.70
C VAL A 188 -9.52 -10.95 21.53
N PRO A 189 -8.46 -11.29 22.32
CA PRO A 189 -7.13 -10.73 22.24
C PRO A 189 -6.53 -11.01 20.87
N TYR A 190 -5.44 -10.41 20.50
CA TYR A 190 -4.77 -10.73 19.21
C TYR A 190 -4.27 -12.17 19.24
N VAL A 191 -4.96 -13.09 18.52
CA VAL A 191 -4.60 -14.46 18.46
C VAL A 191 -3.62 -14.88 17.39
N GLY A 192 -2.96 -13.99 16.75
CA GLY A 192 -1.95 -14.38 15.70
C GLY A 192 -0.82 -15.21 16.24
N LEU A 193 -0.21 -16.07 15.45
CA LEU A 193 0.92 -16.84 15.86
C LEU A 193 2.17 -15.94 15.81
N ALA A 194 2.31 -15.03 14.91
CA ALA A 194 3.56 -14.20 14.81
C ALA A 194 3.39 -12.91 15.57
N SER A 195 4.13 -11.90 15.21
CA SER A 195 4.09 -10.64 16.00
C SER A 195 3.00 -9.76 15.45
N ALA A 196 2.60 -9.99 14.22
CA ALA A 196 1.54 -9.21 13.54
C ALA A 196 0.78 -10.17 12.62
N TYR A 197 -0.36 -9.82 12.12
CA TYR A 197 -1.08 -10.66 11.12
C TYR A 197 -0.52 -10.30 9.76
N ASN A 198 -0.26 -11.19 8.84
CA ASN A 198 0.27 -10.69 7.53
C ASN A 198 -0.96 -10.29 6.67
N CYS A 199 -1.05 -9.09 6.21
CA CYS A 199 -2.05 -8.72 5.24
C CYS A 199 -1.63 -9.33 3.88
N PHE A 200 -0.41 -9.63 3.70
CA PHE A 200 0.09 -10.19 2.46
C PHE A 200 1.20 -11.17 2.83
N TYR A 201 1.43 -12.12 1.96
CA TYR A 201 2.49 -13.11 2.29
C TYR A 201 3.04 -13.65 0.99
N ASP A 202 4.26 -13.33 0.59
CA ASP A 202 4.65 -13.87 -0.77
C ASP A 202 5.40 -15.12 -0.44
N GLY A 203 4.62 -16.13 0.00
CA GLY A 203 5.33 -17.43 0.34
C GLY A 203 4.35 -18.60 0.22
N TYR A 204 4.80 -19.75 0.62
CA TYR A 204 4.14 -21.04 0.66
C TYR A 204 4.25 -21.64 2.04
N SER A 205 3.58 -22.74 2.33
CA SER A 205 3.63 -23.31 3.67
C SER A 205 4.85 -24.23 3.72
N HIS A 206 5.27 -24.58 2.53
CA HIS A 206 6.52 -25.39 2.45
C HIS A 206 6.94 -25.40 1.01
N ASP A 207 8.11 -25.93 0.74
CA ASP A 207 8.57 -25.87 -0.66
C ASP A 207 8.09 -27.12 -1.48
N ASP A 208 6.77 -27.27 -1.62
CA ASP A 208 6.17 -28.34 -2.48
C ASP A 208 5.90 -27.70 -3.83
N ALA A 209 5.69 -28.45 -4.83
CA ALA A 209 5.49 -27.86 -6.09
C ALA A 209 4.06 -27.45 -6.36
N GLU A 210 3.16 -27.91 -5.60
CA GLU A 210 1.74 -27.62 -5.95
C GLU A 210 1.10 -27.02 -4.75
N THR A 211 1.84 -26.62 -3.69
CA THR A 211 1.04 -26.10 -2.50
C THR A 211 0.45 -24.77 -2.81
N GLN A 212 -0.58 -24.32 -2.10
CA GLN A 212 -1.26 -23.05 -2.34
C GLN A 212 -0.31 -21.91 -1.94
N TYR A 213 -0.46 -20.83 -2.66
CA TYR A 213 0.33 -19.59 -2.50
C TYR A 213 -0.48 -18.61 -1.66
N GLY A 214 0.08 -17.48 -1.32
CA GLY A 214 -0.73 -16.49 -0.53
C GLY A 214 -0.56 -16.63 1.01
N ILE A 215 -1.69 -16.27 1.67
CA ILE A 215 -1.85 -16.14 3.13
C ILE A 215 -2.88 -17.12 3.64
N THR A 216 -3.74 -17.55 2.77
CA THR A 216 -4.71 -18.60 3.14
C THR A 216 -4.02 -19.76 3.89
N VAL A 217 -2.71 -19.86 3.79
CA VAL A 217 -1.96 -20.98 4.46
C VAL A 217 -1.42 -20.53 5.81
N LEU A 218 -1.34 -19.25 5.90
CA LEU A 218 -0.93 -18.55 7.11
C LEU A 218 -2.16 -18.29 7.96
N ASN A 219 -3.06 -17.64 7.28
CA ASN A 219 -4.31 -17.16 7.85
C ASN A 219 -5.26 -18.30 8.14
N HIS A 220 -4.70 -19.18 8.85
CA HIS A 220 -5.31 -20.42 9.26
C HIS A 220 -5.91 -20.34 10.69
N MET A 221 -6.99 -19.60 10.91
CA MET A 221 -7.54 -19.43 12.31
C MET A 221 -8.76 -20.30 12.73
N GLY A 222 -9.04 -21.39 12.09
CA GLY A 222 -10.14 -22.27 12.60
C GLY A 222 -11.47 -21.60 12.31
N SER A 223 -12.56 -22.25 12.62
CA SER A 223 -13.85 -21.62 12.29
C SER A 223 -14.76 -21.52 13.51
N MET A 224 -15.80 -20.73 13.23
CA MET A 224 -16.82 -20.30 14.20
C MET A 224 -18.14 -21.01 13.92
N ALA A 225 -18.83 -21.41 14.96
CA ALA A 225 -20.03 -22.28 14.72
C ALA A 225 -21.31 -21.91 15.46
N PHE A 226 -22.32 -21.58 14.68
CA PHE A 226 -23.61 -21.14 15.22
C PHE A 226 -24.71 -22.20 15.18
N ARG A 227 -25.62 -22.19 16.08
CA ARG A 227 -26.78 -23.10 16.02
C ARG A 227 -27.88 -22.48 16.86
N ILE A 228 -29.08 -22.94 16.73
CA ILE A 228 -30.22 -22.51 17.63
C ILE A 228 -30.32 -23.53 18.72
N VAL A 229 -30.61 -23.07 19.94
CA VAL A 229 -30.56 -24.13 21.02
C VAL A 229 -31.94 -24.74 21.02
N ASN A 230 -32.97 -23.96 20.62
CA ASN A 230 -34.35 -24.42 20.71
C ASN A 230 -34.62 -25.66 19.83
N GLU A 231 -35.52 -26.51 20.35
CA GLU A 231 -36.03 -27.60 19.50
C GLU A 231 -37.02 -26.88 18.55
N HIS A 232 -37.61 -27.70 17.67
CA HIS A 232 -38.50 -27.15 16.66
C HIS A 232 -39.94 -27.00 17.16
N ASP A 233 -40.49 -25.88 16.60
CA ASP A 233 -41.91 -25.58 16.73
C ASP A 233 -42.54 -26.16 15.42
N GLU A 234 -43.84 -25.86 15.34
CA GLU A 234 -44.56 -26.37 14.14
C GLU A 234 -44.07 -25.62 12.94
N HIS A 235 -43.80 -24.33 12.92
CA HIS A 235 -43.33 -23.73 11.62
C HIS A 235 -41.82 -23.74 11.58
N LYS A 236 -41.30 -23.17 10.54
CA LYS A 236 -39.81 -23.15 10.36
C LYS A 236 -39.36 -21.73 10.60
N THR A 237 -38.18 -21.47 11.05
CA THR A 237 -37.78 -20.09 11.36
C THR A 237 -36.36 -19.92 10.77
N LEU A 238 -36.21 -18.89 9.99
CA LEU A 238 -34.88 -18.58 9.40
C LEU A 238 -34.22 -17.56 10.30
N VAL A 239 -33.01 -17.87 10.70
CA VAL A 239 -32.25 -16.90 11.57
C VAL A 239 -31.03 -16.53 10.75
N LYS A 240 -30.78 -15.27 10.59
CA LYS A 240 -29.64 -14.82 9.72
C LYS A 240 -28.68 -14.10 10.68
N ILE A 241 -27.44 -14.57 10.68
CA ILE A 241 -26.39 -14.02 11.56
C ILE A 241 -25.48 -13.07 10.83
N ARG A 242 -25.31 -11.88 11.45
CA ARG A 242 -24.35 -10.86 10.95
C ARG A 242 -23.24 -10.62 12.00
N VAL A 243 -22.00 -10.88 11.64
CA VAL A 243 -20.86 -10.68 12.52
C VAL A 243 -20.21 -9.35 12.22
N TYR A 244 -20.06 -8.46 13.16
CA TYR A 244 -19.36 -7.16 12.99
C TYR A 244 -18.01 -7.22 13.67
N HIS A 245 -16.97 -6.62 13.14
CA HIS A 245 -15.65 -6.67 13.77
C HIS A 245 -15.08 -5.27 13.92
N ARG A 246 -14.57 -4.91 15.06
CA ARG A 246 -13.96 -3.61 15.38
C ARG A 246 -12.54 -3.85 15.89
N ALA A 247 -11.58 -3.30 15.29
CA ALA A 247 -10.19 -3.41 15.75
C ALA A 247 -10.00 -2.43 16.92
N LYS A 248 -9.37 -2.90 18.00
CA LYS A 248 -9.02 -1.98 19.13
C LYS A 248 -7.56 -2.30 19.45
N HIS A 249 -6.82 -1.24 19.77
CA HIS A 249 -5.37 -1.31 20.07
C HIS A 249 -4.60 -1.61 18.82
N VAL A 250 -4.80 -0.84 17.77
CA VAL A 250 -4.24 -1.09 16.45
C VAL A 250 -2.79 -0.77 16.23
N GLU A 251 -2.10 -1.56 15.52
CA GLU A 251 -0.64 -1.19 15.21
C GLU A 251 -0.43 -1.60 13.77
N ALA A 252 0.03 -0.76 12.89
CA ALA A 252 0.10 -1.11 11.45
C ALA A 252 1.43 -0.84 10.89
N TRP A 253 2.09 -1.63 10.09
CA TRP A 253 3.41 -1.33 9.54
C TRP A 253 3.38 -1.40 8.02
N ILE A 254 4.23 -0.66 7.38
CA ILE A 254 4.52 -0.61 5.97
C ILE A 254 3.38 -0.32 5.07
N PRO A 255 3.09 0.94 4.77
CA PRO A 255 1.93 1.33 3.90
C PRO A 255 2.11 0.80 2.50
N ARG A 256 1.07 0.50 1.77
CA ARG A 256 1.19 0.00 0.38
C ARG A 256 0.22 0.75 -0.51
N ALA A 257 0.29 0.61 -1.77
CA ALA A 257 -0.61 1.23 -2.78
C ALA A 257 -2.02 0.73 -2.57
N PRO A 258 -3.09 1.55 -2.65
CA PRO A 258 -4.46 1.10 -2.37
C PRO A 258 -4.90 0.11 -3.40
N ARG A 259 -5.89 -0.74 -3.15
CA ARG A 259 -6.43 -1.65 -4.10
C ARG A 259 -7.15 -0.97 -5.26
N ALA A 260 -6.82 -1.24 -6.48
CA ALA A 260 -7.45 -0.57 -7.60
C ALA A 260 -8.47 -1.49 -8.23
N LEU A 261 -8.15 -2.73 -8.58
CA LEU A 261 -9.12 -3.64 -9.25
C LEU A 261 -9.96 -4.34 -8.20
N PRO A 262 -11.03 -4.96 -8.65
CA PRO A 262 -11.97 -5.68 -7.80
C PRO A 262 -11.28 -6.92 -7.30
N TYR A 263 -11.83 -7.49 -6.25
CA TYR A 263 -11.32 -8.70 -5.60
C TYR A 263 -12.08 -9.93 -6.15
N THR A 264 -11.45 -11.08 -6.12
CA THR A 264 -12.08 -12.29 -6.64
C THR A 264 -12.06 -13.34 -5.59
N SER A 265 -11.10 -13.35 -4.71
CA SER A 265 -10.93 -14.48 -3.73
C SER A 265 -10.49 -14.09 -2.37
N ILE A 266 -10.87 -14.78 -1.29
CA ILE A 266 -10.32 -14.53 0.05
C ILE A 266 -8.85 -14.95 -0.03
N GLY A 267 -7.99 -14.01 0.28
CA GLY A 267 -6.58 -14.34 0.45
C GLY A 267 -5.74 -14.35 -0.75
N ARG A 268 -6.28 -14.06 -1.93
CA ARG A 268 -5.25 -13.92 -3.04
C ARG A 268 -5.50 -12.55 -3.59
N THR A 269 -4.50 -12.03 -4.22
CA THR A 269 -4.45 -10.69 -4.78
C THR A 269 -5.08 -10.55 -6.14
N ASN A 270 -5.42 -11.73 -6.73
CA ASN A 270 -6.00 -11.89 -8.00
C ASN A 270 -7.23 -10.91 -8.26
N TYR A 271 -7.19 -10.42 -9.43
CA TYR A 271 -8.23 -9.56 -9.99
C TYR A 271 -8.85 -10.29 -11.20
N PRO A 272 -10.07 -9.93 -11.55
CA PRO A 272 -10.80 -10.54 -12.63
C PRO A 272 -10.31 -10.21 -14.01
N LYS A 273 -10.40 -11.14 -15.00
CA LYS A 273 -9.94 -10.86 -16.38
C LYS A 273 -10.86 -9.97 -17.15
N ASN A 274 -10.31 -9.26 -18.10
CA ASN A 274 -11.27 -8.30 -18.82
C ASN A 274 -12.09 -7.70 -17.59
N THR A 275 -11.31 -6.81 -17.04
CA THR A 275 -11.81 -5.96 -15.91
C THR A 275 -12.09 -4.64 -16.55
N GLU A 276 -12.47 -3.52 -16.00
CA GLU A 276 -12.56 -2.28 -16.89
C GLU A 276 -11.50 -1.30 -16.54
N PRO A 277 -11.22 -0.41 -17.44
CA PRO A 277 -10.15 0.63 -17.12
C PRO A 277 -10.62 1.29 -15.81
N VAL A 278 -9.66 1.42 -14.91
CA VAL A 278 -9.93 1.98 -13.57
C VAL A 278 -9.61 3.45 -13.62
N ILE A 279 -8.84 3.97 -14.55
CA ILE A 279 -8.61 5.43 -14.57
C ILE A 279 -9.65 6.09 -15.46
N LYS A 280 -10.46 6.99 -15.09
CA LYS A 280 -11.48 7.70 -15.88
C LYS A 280 -10.89 8.41 -17.08
N LYS A 281 -11.34 8.12 -18.24
CA LYS A 281 -10.85 8.79 -19.46
C LYS A 281 -11.42 10.20 -19.53
N ARG A 282 -10.57 11.14 -19.94
CA ARG A 282 -11.00 12.50 -20.12
C ARG A 282 -12.10 12.63 -21.14
N LYS A 283 -12.94 13.59 -20.83
CA LYS A 283 -14.01 13.87 -22.01
C LYS A 283 -13.37 15.05 -22.66
N GLY A 284 -12.39 14.92 -23.51
CA GLY A 284 -11.69 16.10 -24.08
C GLY A 284 -10.21 15.78 -24.09
N ASP A 285 -9.37 16.68 -24.40
CA ASP A 285 -8.03 16.76 -24.34
C ASP A 285 -7.26 16.61 -23.09
N ILE A 286 -5.88 16.54 -23.33
CA ILE A 286 -5.07 16.64 -22.06
C ILE A 286 -5.33 18.11 -21.53
N LYS A 287 -5.51 18.99 -22.53
CA LYS A 287 -5.68 20.40 -22.24
C LYS A 287 -7.00 20.74 -21.61
N SER A 288 -7.96 19.86 -21.60
CA SER A 288 -9.32 20.15 -21.04
C SER A 288 -9.47 20.53 -19.64
N TYR A 289 -10.44 21.28 -19.19
CA TYR A 289 -10.53 21.52 -17.70
C TYR A 289 -11.52 20.55 -17.05
N GLY B 8 34.19 18.79 -1.87
CA GLY B 8 34.04 18.37 -3.36
C GLY B 8 33.25 17.04 -3.33
N TYR B 9 32.72 16.77 -2.12
CA TYR B 9 31.88 15.48 -2.09
C TYR B 9 30.64 15.86 -2.82
N SER B 10 30.14 14.98 -3.66
CA SER B 10 28.85 15.31 -4.35
C SER B 10 27.92 14.20 -3.91
N ASP B 11 26.69 14.36 -3.93
CA ASP B 11 25.70 13.36 -3.77
C ASP B 11 25.80 12.24 -4.83
N ARG B 12 26.39 12.63 -5.93
CA ARG B 12 26.71 12.16 -7.20
C ARG B 12 27.75 11.07 -7.32
N VAL B 13 28.88 11.15 -6.69
CA VAL B 13 29.89 10.09 -6.71
C VAL B 13 29.84 9.26 -5.45
N GLN B 14 29.98 7.98 -5.47
CA GLN B 14 29.90 7.14 -4.31
C GLN B 14 30.70 5.89 -4.47
N GLN B 15 31.07 5.33 -3.34
CA GLN B 15 31.80 4.08 -3.31
C GLN B 15 31.16 3.20 -2.24
N ILE B 16 30.80 1.99 -2.54
CA ILE B 16 30.31 1.05 -1.51
C ILE B 16 31.24 -0.13 -1.45
N THR B 17 31.93 -0.42 -0.43
CA THR B 17 32.84 -1.56 -0.34
C THR B 17 32.19 -2.55 0.63
N LEU B 18 32.02 -3.72 0.21
CA LEU B 18 31.29 -4.72 1.08
C LEU B 18 31.96 -6.04 0.75
N GLY B 19 32.67 -6.51 1.72
CA GLY B 19 33.39 -7.74 1.65
C GLY B 19 34.65 -7.46 0.81
N ASN B 20 34.70 -8.15 -0.23
CA ASN B 20 35.91 -8.23 -1.13
C ASN B 20 35.54 -7.62 -2.44
N SER B 21 34.41 -6.87 -2.43
CA SER B 21 33.90 -6.24 -3.62
C SER B 21 33.52 -4.77 -3.47
N THR B 22 33.84 -3.92 -4.40
CA THR B 22 33.58 -2.53 -4.39
C THR B 22 32.90 -2.03 -5.65
N ILE B 23 32.00 -1.11 -5.52
CA ILE B 23 31.24 -0.44 -6.55
C ILE B 23 31.50 1.06 -6.57
N THR B 24 31.74 1.69 -7.65
CA THR B 24 31.93 3.13 -7.68
C THR B 24 30.87 3.66 -8.66
N THR B 25 30.18 4.69 -8.35
CA THR B 25 29.32 5.39 -9.25
C THR B 25 29.71 6.87 -9.25
N GLN B 26 29.78 7.39 -10.44
CA GLN B 26 30.13 8.82 -10.61
C GLN B 26 28.88 9.61 -10.97
N GLU B 27 27.73 9.01 -10.94
CA GLU B 27 26.48 9.68 -11.28
C GLU B 27 25.27 9.19 -10.57
N ALA B 28 25.31 9.16 -9.28
CA ALA B 28 24.34 8.69 -8.35
C ALA B 28 23.30 9.78 -8.09
N ALA B 29 22.20 9.53 -7.42
CA ALA B 29 21.20 10.45 -6.98
C ALA B 29 20.86 10.02 -5.54
N ASN B 30 21.85 10.29 -4.72
CA ASN B 30 21.71 9.93 -3.23
C ASN B 30 21.44 8.43 -3.13
N ALA B 31 20.88 7.86 -2.13
CA ALA B 31 20.60 6.44 -1.97
C ALA B 31 19.43 6.38 -0.97
N VAL B 32 18.65 5.38 -1.06
CA VAL B 32 17.49 5.28 -0.19
C VAL B 32 17.80 4.18 0.81
N VAL B 33 17.35 4.44 2.02
CA VAL B 33 17.47 3.39 3.07
C VAL B 33 16.03 3.11 3.52
N CYS B 34 15.48 1.99 3.10
CA CYS B 34 14.09 1.69 3.38
C CYS B 34 13.63 2.06 4.75
N TYR B 35 12.57 2.89 4.83
CA TYR B 35 11.90 3.19 6.10
C TYR B 35 12.92 3.78 7.04
N ALA B 36 13.94 4.35 6.42
CA ALA B 36 14.99 5.04 7.21
C ALA B 36 15.64 4.11 8.19
N GLU B 37 15.77 2.85 8.03
CA GLU B 37 16.46 1.92 8.87
C GLU B 37 17.50 1.13 8.17
N TRP B 38 18.61 0.97 8.74
CA TRP B 38 19.81 0.28 8.15
C TRP B 38 19.88 -1.10 8.59
N PRO B 39 20.30 -2.06 7.82
CA PRO B 39 20.20 -3.53 8.23
C PRO B 39 20.89 -3.73 9.55
N GLU B 40 20.48 -4.47 10.51
CA GLU B 40 21.16 -4.83 11.75
C GLU B 40 20.91 -6.29 12.15
N TYR B 41 21.74 -6.92 12.95
CA TYR B 41 21.48 -8.34 13.33
C TYR B 41 20.29 -8.41 14.30
N LEU B 42 19.97 -9.71 14.54
CA LEU B 42 18.78 -9.98 15.34
C LEU B 42 19.10 -9.92 16.82
N PRO B 43 18.54 -8.99 17.51
CA PRO B 43 18.73 -8.83 18.94
C PRO B 43 18.13 -9.94 19.76
N ASP B 44 18.66 -10.24 20.94
CA ASP B 44 18.17 -11.33 21.78
C ASP B 44 16.73 -11.09 22.24
N VAL B 45 16.47 -9.85 22.48
CA VAL B 45 15.13 -9.50 23.08
C VAL B 45 14.07 -9.92 22.04
N ASP B 46 14.45 -9.95 20.77
CA ASP B 46 13.54 -10.33 19.70
C ASP B 46 13.62 -11.79 19.25
N ALA B 47 14.58 -12.52 19.71
CA ALA B 47 14.86 -13.88 19.40
C ALA B 47 13.87 -14.86 19.97
N SER B 48 13.68 -15.98 19.30
CA SER B 48 12.83 -17.05 19.72
C SER B 48 13.56 -18.41 19.61
N ASP B 49 13.98 -18.77 18.44
CA ASP B 49 14.77 -20.03 18.25
C ASP B 49 15.98 -20.00 19.19
N VAL B 50 16.31 -21.08 19.91
CA VAL B 50 17.38 -21.00 20.89
C VAL B 50 18.73 -21.25 20.27
N ASN B 51 18.76 -21.50 19.00
CA ASN B 51 20.05 -21.88 18.35
C ASN B 51 20.99 -20.72 18.19
N LYS B 52 22.22 -20.90 18.42
CA LYS B 52 23.26 -19.78 18.17
C LYS B 52 23.24 -19.54 16.71
N THR B 53 23.27 -18.41 16.07
CA THR B 53 23.22 -18.34 14.58
C THR B 53 24.57 -18.30 13.94
N SER B 54 24.71 -18.41 12.63
CA SER B 54 26.07 -18.46 11.98
C SER B 54 26.21 -17.19 11.19
N LYS B 55 27.32 -16.52 11.28
CA LYS B 55 27.34 -15.18 10.54
C LYS B 55 28.55 -15.21 9.67
N PRO B 56 28.44 -15.74 8.48
CA PRO B 56 29.56 -15.96 7.58
C PRO B 56 30.23 -14.65 7.26
N ASP B 57 29.59 -13.51 7.57
CA ASP B 57 30.27 -12.27 7.33
C ASP B 57 30.69 -12.07 5.87
N THR B 58 31.97 -11.77 5.67
CA THR B 58 32.49 -11.35 4.39
C THR B 58 32.34 -12.35 3.29
N SER B 59 32.08 -13.57 3.53
CA SER B 59 31.97 -14.57 2.45
C SER B 59 30.58 -14.54 1.89
N VAL B 60 29.57 -14.06 2.55
CA VAL B 60 28.24 -13.92 2.07
C VAL B 60 27.92 -12.45 1.91
N CYS B 61 28.58 -11.55 2.60
CA CYS B 61 28.13 -10.11 2.47
C CYS B 61 28.95 -9.38 1.50
N ARG B 62 28.94 -9.75 0.26
CA ARG B 62 29.72 -9.13 -0.83
C ARG B 62 28.73 -8.88 -1.94
N PHE B 63 29.18 -8.35 -3.08
CA PHE B 63 28.23 -7.95 -4.16
C PHE B 63 28.12 -9.00 -5.23
N TYR B 64 26.97 -9.57 -5.46
CA TYR B 64 26.75 -10.50 -6.62
C TYR B 64 26.09 -9.74 -7.77
N THR B 65 26.68 -9.74 -8.96
CA THR B 65 26.04 -9.08 -10.13
C THR B 65 25.23 -10.08 -10.91
N LEU B 66 23.94 -10.09 -10.86
CA LEU B 66 23.06 -10.87 -11.71
C LEU B 66 23.30 -10.59 -13.21
N ASP B 67 22.88 -11.59 -13.99
CA ASP B 67 22.97 -11.41 -15.46
C ASP B 67 22.25 -10.24 -16.01
N SER B 68 22.77 -9.61 -17.05
CA SER B 68 22.17 -8.33 -17.52
C SER B 68 20.92 -8.26 -18.26
N LYS B 69 20.05 -7.35 -18.21
CA LYS B 69 18.80 -7.25 -19.02
C LYS B 69 19.03 -6.22 -20.15
N THR B 70 18.11 -6.23 -21.14
CA THR B 70 18.20 -5.31 -22.25
C THR B 70 16.94 -4.47 -22.43
N TRP B 71 17.12 -3.21 -22.19
CA TRP B 71 15.97 -2.25 -22.22
C TRP B 71 15.89 -1.89 -23.70
N THR B 72 14.72 -2.10 -24.15
CA THR B 72 14.38 -1.72 -25.53
C THR B 72 13.00 -1.02 -25.42
N THR B 73 12.76 -0.45 -26.58
CA THR B 73 11.58 0.39 -26.64
C THR B 73 10.35 -0.37 -26.35
N GLY B 74 10.42 -1.68 -26.47
CA GLY B 74 9.20 -2.41 -26.11
C GLY B 74 9.15 -2.96 -24.72
N SER B 75 10.14 -2.70 -23.90
CA SER B 75 10.26 -3.39 -22.55
C SER B 75 9.12 -3.08 -21.66
N LYS B 76 8.60 -3.98 -20.87
CA LYS B 76 7.55 -3.63 -19.92
C LYS B 76 8.14 -3.52 -18.52
N GLY B 77 9.14 -4.25 -18.16
CA GLY B 77 9.74 -4.07 -16.76
C GLY B 77 10.18 -5.41 -16.29
N TRP B 78 10.97 -5.59 -15.25
CA TRP B 78 11.42 -6.94 -14.78
C TRP B 78 11.21 -7.02 -13.28
N CYS B 79 11.13 -8.17 -12.73
CA CYS B 79 10.88 -8.33 -11.31
C CYS B 79 11.74 -9.46 -10.77
N TRP B 80 12.49 -9.23 -9.71
CA TRP B 80 13.29 -10.25 -9.04
C TRP B 80 12.77 -10.38 -7.58
N LYS B 81 12.89 -11.54 -7.03
CA LYS B 81 12.47 -11.74 -5.61
C LYS B 81 13.71 -12.01 -4.78
N LEU B 82 13.75 -11.61 -3.51
CA LEU B 82 14.88 -11.86 -2.57
C LEU B 82 14.37 -12.69 -1.39
N PRO B 83 15.11 -13.68 -0.88
CA PRO B 83 16.44 -14.03 -1.33
C PRO B 83 16.57 -14.86 -2.56
N ASP B 84 15.54 -15.17 -3.30
CA ASP B 84 15.57 -16.04 -4.47
C ASP B 84 16.68 -15.70 -5.49
N ALA B 85 16.65 -14.50 -6.02
CA ALA B 85 17.62 -14.06 -6.97
C ALA B 85 18.99 -14.51 -6.54
N LEU B 86 19.28 -14.64 -5.30
CA LEU B 86 20.67 -15.02 -4.92
C LEU B 86 20.79 -16.49 -4.60
N LYS B 87 19.85 -17.34 -4.74
CA LYS B 87 19.79 -18.75 -4.36
C LYS B 87 20.95 -19.55 -4.86
N ASP B 88 21.64 -19.10 -5.84
CA ASP B 88 22.81 -19.72 -6.39
C ASP B 88 24.08 -18.94 -6.34
N MET B 89 24.19 -17.85 -5.61
CA MET B 89 25.42 -17.08 -5.60
C MET B 89 26.31 -17.57 -4.48
N GLY B 90 27.40 -18.13 -4.89
CA GLY B 90 28.55 -18.47 -4.02
C GLY B 90 28.11 -19.13 -2.73
N VAL B 91 28.77 -18.78 -1.64
CA VAL B 91 28.44 -19.38 -0.35
C VAL B 91 27.14 -18.84 0.23
N PHE B 92 26.60 -17.75 -0.30
CA PHE B 92 25.33 -17.20 0.22
C PHE B 92 24.30 -18.30 -0.01
N GLY B 93 24.22 -18.69 -1.26
CA GLY B 93 23.33 -19.74 -1.67
C GLY B 93 23.51 -21.02 -0.94
N GLN B 94 24.69 -21.48 -0.66
CA GLN B 94 24.85 -22.81 -0.02
C GLN B 94 24.19 -22.76 1.36
N ASN B 95 24.54 -21.71 2.08
CA ASN B 95 24.09 -21.46 3.46
C ASN B 95 22.58 -21.52 3.48
N MET B 96 22.02 -20.89 2.44
CA MET B 96 20.58 -20.79 2.24
C MET B 96 19.93 -22.13 2.20
N PHE B 97 20.43 -23.08 1.41
CA PHE B 97 19.84 -24.42 1.27
C PHE B 97 20.11 -25.33 2.43
N PHE B 98 21.20 -25.10 3.13
CA PHE B 98 21.67 -25.85 4.24
C PHE B 98 21.09 -25.40 5.55
N HIS B 99 20.65 -24.20 5.86
CA HIS B 99 20.04 -23.98 7.19
C HIS B 99 18.54 -23.92 7.08
N SER B 100 17.89 -24.29 8.11
CA SER B 100 16.46 -24.23 8.34
C SER B 100 15.94 -22.81 8.32
N LEU B 101 16.66 -21.85 8.77
CA LEU B 101 16.20 -20.45 8.89
C LEU B 101 17.30 -19.50 8.55
N GLY B 102 17.04 -18.32 8.12
CA GLY B 102 18.24 -17.41 7.80
C GLY B 102 17.59 -16.02 7.83
N ARG B 103 18.36 -15.01 7.75
CA ARG B 103 17.76 -13.61 7.78
C ARG B 103 18.76 -12.71 7.13
N SER B 104 18.32 -11.66 6.41
CA SER B 104 19.33 -10.81 5.74
C SER B 104 18.82 -9.47 5.31
N GLY B 105 19.62 -8.47 5.16
CA GLY B 105 19.24 -7.16 4.60
C GLY B 105 20.04 -7.12 3.29
N TYR B 106 19.91 -6.11 2.44
CA TYR B 106 20.70 -6.09 1.20
C TYR B 106 21.04 -4.67 0.80
N THR B 107 22.08 -4.51 0.00
CA THR B 107 22.30 -3.25 -0.71
C THR B 107 21.99 -3.58 -2.19
N VAL B 108 21.08 -2.95 -2.85
CA VAL B 108 20.73 -3.18 -4.27
C VAL B 108 21.30 -2.04 -5.08
N HIS B 109 22.03 -2.31 -6.12
CA HIS B 109 22.63 -1.18 -6.94
C HIS B 109 22.18 -1.37 -8.36
N VAL B 110 21.25 -0.71 -8.95
CA VAL B 110 20.82 -0.94 -10.37
C VAL B 110 21.54 0.06 -11.28
N GLN B 111 22.13 -0.41 -12.34
CA GLN B 111 22.98 0.37 -13.24
C GLN B 111 22.47 0.49 -14.69
N CYS B 112 22.46 1.71 -15.21
CA CYS B 112 22.08 1.89 -16.61
C CYS B 112 22.65 3.17 -17.16
N ASN B 113 23.70 3.14 -17.93
CA ASN B 113 24.26 4.44 -18.44
C ASN B 113 23.95 4.64 -19.93
N ALA B 114 23.91 5.83 -20.42
CA ALA B 114 23.51 6.16 -21.80
C ALA B 114 24.33 7.34 -22.26
N THR B 115 23.79 8.35 -22.89
CA THR B 115 24.60 9.56 -23.21
C THR B 115 23.69 10.77 -23.03
N LYS B 116 24.21 11.99 -23.22
CA LYS B 116 23.31 13.17 -23.01
C LYS B 116 22.35 13.36 -24.17
N PHE B 117 22.23 12.42 -25.07
CA PHE B 117 21.23 12.57 -26.17
C PHE B 117 20.10 11.58 -25.93
N HIS B 118 20.34 10.57 -25.07
CA HIS B 118 19.23 9.60 -24.77
C HIS B 118 18.24 10.19 -23.81
N SER B 119 17.06 9.64 -23.68
CA SER B 119 16.00 9.99 -22.75
C SER B 119 15.42 8.61 -22.32
N GLY B 120 14.75 8.63 -21.24
CA GLY B 120 14.16 7.30 -20.72
C GLY B 120 14.24 7.47 -19.19
N CYS B 121 13.41 6.80 -18.47
CA CYS B 121 13.43 6.90 -17.01
C CYS B 121 12.95 5.63 -16.39
N LEU B 122 13.66 4.89 -15.58
CA LEU B 122 13.23 3.62 -14.99
C LEU B 122 12.76 3.87 -13.56
N LEU B 123 11.82 3.19 -13.01
CA LEU B 123 11.46 3.29 -11.56
C LEU B 123 12.15 2.10 -10.89
N VAL B 124 12.90 2.19 -9.88
CA VAL B 124 13.52 1.07 -9.18
C VAL B 124 12.84 0.97 -7.83
N VAL B 125 12.06 -0.01 -7.50
CA VAL B 125 11.28 0.00 -6.24
C VAL B 125 11.40 -1.29 -5.51
N VAL B 126 11.35 -1.26 -4.20
CA VAL B 126 11.41 -2.51 -3.39
C VAL B 126 10.08 -2.71 -2.73
N ILE B 127 9.37 -3.79 -2.94
CA ILE B 127 8.04 -3.99 -2.31
C ILE B 127 8.06 -5.06 -1.25
N PRO B 128 7.90 -4.73 0.03
CA PRO B 128 7.92 -5.77 1.07
C PRO B 128 6.65 -6.58 0.88
N GLU B 129 6.75 -7.89 0.97
CA GLU B 129 5.71 -8.86 0.80
C GLU B 129 4.90 -8.75 -0.44
N HIS B 130 5.43 -8.72 -1.60
CA HIS B 130 4.77 -8.64 -2.88
C HIS B 130 4.04 -9.89 -3.31
N GLN B 131 2.90 -10.18 -2.80
CA GLN B 131 2.10 -11.40 -3.13
C GLN B 131 1.54 -11.18 -4.53
N LEU B 132 1.90 -11.97 -5.50
CA LEU B 132 1.50 -11.80 -6.93
C LEU B 132 0.09 -12.30 -7.16
N ALA B 133 -0.51 -11.96 -8.25
CA ALA B 133 -1.89 -12.42 -8.61
C ALA B 133 -1.81 -13.42 -9.74
N SER B 134 -2.74 -14.36 -9.77
CA SER B 134 -2.80 -15.33 -10.91
C SER B 134 -3.46 -14.61 -12.05
N HIS B 135 -3.02 -14.71 -13.25
CA HIS B 135 -3.78 -14.08 -14.39
C HIS B 135 -5.08 -14.82 -14.63
N GLU B 136 -5.27 -16.03 -14.17
CA GLU B 136 -6.54 -16.72 -14.30
C GLU B 136 -7.70 -16.07 -13.57
N GLY B 137 -7.48 -15.29 -12.58
CA GLY B 137 -8.59 -14.70 -11.77
C GLY B 137 -9.05 -15.68 -10.71
N GLY B 138 -10.26 -15.49 -10.25
CA GLY B 138 -10.85 -16.43 -9.27
C GLY B 138 -9.96 -16.71 -8.12
N ASN B 139 -9.60 -17.91 -7.84
CA ASN B 139 -8.67 -18.19 -6.70
C ASN B 139 -7.63 -19.16 -7.19
N VAL B 140 -7.27 -19.00 -8.45
CA VAL B 140 -6.19 -19.84 -9.04
C VAL B 140 -4.92 -19.45 -8.29
N SER B 141 -4.07 -20.41 -7.95
CA SER B 141 -2.82 -20.01 -7.20
C SER B 141 -1.71 -19.74 -8.17
N VAL B 142 -0.57 -19.28 -7.76
CA VAL B 142 0.59 -19.04 -8.60
C VAL B 142 1.61 -20.08 -8.13
N LYS B 143 1.92 -21.06 -8.93
CA LYS B 143 2.82 -22.12 -8.50
C LYS B 143 4.24 -21.53 -8.20
N TYR B 144 4.85 -22.24 -7.28
CA TYR B 144 6.14 -22.08 -6.65
C TYR B 144 7.20 -21.68 -7.66
N THR B 145 7.42 -22.59 -8.53
CA THR B 145 8.39 -22.27 -9.62
C THR B 145 8.14 -20.91 -10.19
N PHE B 146 6.93 -20.55 -10.45
CA PHE B 146 6.70 -19.23 -11.03
C PHE B 146 7.10 -18.07 -10.19
N THR B 147 7.14 -18.16 -8.90
CA THR B 147 7.49 -17.09 -8.02
C THR B 147 8.92 -17.33 -7.53
N HIS B 148 9.65 -18.18 -8.14
CA HIS B 148 11.03 -18.43 -7.76
C HIS B 148 11.92 -18.49 -9.01
N PRO B 149 11.82 -17.47 -9.88
CA PRO B 149 12.57 -17.41 -11.09
C PRO B 149 14.03 -17.43 -10.90
N GLY B 150 14.56 -17.22 -9.73
CA GLY B 150 16.07 -17.26 -9.60
C GLY B 150 16.59 -15.98 -10.24
N GLU B 151 17.83 -16.07 -10.64
CA GLU B 151 18.60 -14.85 -11.07
C GLU B 151 17.96 -14.30 -12.28
N ARG B 152 17.25 -15.09 -13.02
CA ARG B 152 16.58 -14.65 -14.26
C ARG B 152 15.50 -13.63 -13.99
N GLY B 153 14.84 -13.76 -12.85
CA GLY B 153 13.75 -12.84 -12.46
C GLY B 153 12.58 -13.10 -13.39
N ILE B 154 11.56 -12.37 -13.33
CA ILE B 154 10.35 -12.44 -14.09
C ILE B 154 10.36 -11.33 -15.13
N ASP B 155 10.00 -11.55 -16.37
CA ASP B 155 10.03 -10.55 -17.42
C ASP B 155 8.55 -10.26 -17.75
N LEU B 156 8.21 -9.09 -17.29
CA LEU B 156 6.86 -8.58 -17.44
C LEU B 156 6.43 -8.45 -18.87
N SER B 157 7.25 -8.75 -19.81
CA SER B 157 6.75 -8.60 -21.23
C SER B 157 6.76 -9.99 -21.84
N SER B 158 7.01 -10.98 -21.01
CA SER B 158 6.92 -12.39 -21.42
C SER B 158 5.43 -12.74 -21.44
N ALA B 159 5.09 -13.88 -21.97
CA ALA B 159 3.65 -14.27 -22.05
C ALA B 159 3.06 -14.90 -20.81
N ASN B 160 1.73 -14.75 -20.64
CA ASN B 160 1.13 -15.48 -19.48
C ASN B 160 1.51 -16.94 -19.60
N GLU B 161 1.80 -17.58 -18.50
CA GLU B 161 2.06 -19.07 -18.57
C GLU B 161 1.10 -19.69 -17.56
N VAL B 162 1.12 -21.01 -17.47
CA VAL B 162 -0.05 -21.61 -16.67
C VAL B 162 0.48 -21.85 -15.31
N GLY B 163 -0.12 -21.20 -14.33
CA GLY B 163 0.36 -21.45 -12.94
C GLY B 163 1.33 -20.35 -12.56
N GLY B 164 1.54 -19.50 -13.55
CA GLY B 164 2.39 -18.31 -13.34
C GLY B 164 1.50 -17.13 -12.92
N PRO B 165 2.15 -16.02 -12.56
CA PRO B 165 1.49 -14.78 -12.18
C PRO B 165 1.05 -13.99 -13.40
N VAL B 166 0.25 -12.98 -13.21
CA VAL B 166 -0.18 -12.05 -14.29
C VAL B 166 0.99 -11.10 -14.54
N LYS B 167 1.18 -10.54 -15.73
CA LYS B 167 2.41 -9.68 -15.89
C LYS B 167 2.07 -8.31 -16.38
N ASP B 168 0.89 -7.88 -16.14
CA ASP B 168 0.32 -6.58 -16.52
C ASP B 168 0.97 -5.46 -15.77
N VAL B 169 1.80 -4.60 -16.21
CA VAL B 169 2.40 -3.52 -15.49
C VAL B 169 1.46 -2.47 -14.89
N LEU B 170 0.45 -1.91 -15.56
CA LEU B 170 -0.33 -0.81 -14.85
C LEU B 170 -0.88 -1.44 -13.56
N TYR B 171 -0.82 -2.70 -13.26
CA TYR B 171 -1.36 -3.21 -12.00
C TYR B 171 -0.39 -3.83 -11.03
N ASN B 172 0.93 -3.63 -11.10
CA ASN B 172 1.91 -4.10 -10.18
C ASN B 172 1.83 -5.60 -9.96
N MET B 173 1.24 -6.37 -10.83
CA MET B 173 1.13 -7.82 -10.61
C MET B 173 0.26 -8.14 -9.38
N ASN B 174 -0.57 -7.20 -8.94
CA ASN B 174 -1.46 -7.48 -7.82
C ASN B 174 -2.71 -6.65 -7.70
N GLY B 175 -3.24 -5.92 -8.61
CA GLY B 175 -4.48 -5.23 -8.38
C GLY B 175 -4.27 -3.86 -7.80
N THR B 176 -3.10 -3.31 -7.91
CA THR B 176 -2.87 -1.86 -7.46
C THR B 176 -2.29 -1.09 -8.59
N LEU B 177 -2.37 0.21 -8.64
CA LEU B 177 -1.90 0.95 -9.84
C LEU B 177 -0.43 1.31 -9.82
N LEU B 178 0.27 1.20 -10.94
CA LEU B 178 1.68 1.52 -11.11
C LEU B 178 1.98 2.89 -10.48
N GLY B 179 1.22 3.87 -10.76
CA GLY B 179 1.36 5.19 -10.18
C GLY B 179 1.58 5.24 -8.72
N ASN B 180 1.09 4.35 -7.87
CA ASN B 180 1.23 4.41 -6.42
C ASN B 180 2.31 3.59 -5.85
N LEU B 181 3.18 3.10 -6.60
CA LEU B 181 4.31 2.25 -6.17
C LEU B 181 5.29 3.16 -5.45
N LEU B 182 5.10 4.44 -5.65
CA LEU B 182 5.98 5.46 -5.07
C LEU B 182 5.80 5.45 -3.56
N ILE B 183 4.71 4.86 -3.02
CA ILE B 183 4.68 4.78 -1.54
C ILE B 183 5.75 3.78 -1.04
N PHE B 184 6.33 2.91 -1.86
CA PHE B 184 7.41 1.99 -1.44
C PHE B 184 8.78 2.63 -1.64
N PRO B 185 9.76 2.28 -0.80
CA PRO B 185 11.14 2.86 -0.96
C PRO B 185 11.51 2.75 -2.41
N HIS B 186 11.86 3.78 -3.08
CA HIS B 186 12.19 3.62 -4.51
C HIS B 186 13.08 4.74 -4.95
N GLN B 187 13.56 4.62 -6.15
CA GLN B 187 14.51 5.76 -6.68
C GLN B 187 14.34 5.72 -8.16
N PHE B 188 14.46 6.74 -8.96
CA PHE B 188 14.26 6.71 -10.43
C PHE B 188 15.65 6.68 -11.06
N ILE B 189 15.83 6.21 -12.25
CA ILE B 189 17.11 6.33 -13.00
C ILE B 189 16.69 7.19 -14.23
N ASN B 190 16.93 8.43 -14.28
CA ASN B 190 16.46 9.29 -15.46
C ASN B 190 17.77 9.59 -16.23
N LEU B 191 17.87 9.02 -17.42
CA LEU B 191 19.14 9.06 -18.16
C LEU B 191 19.74 10.42 -18.08
N ARG B 192 18.92 11.43 -18.10
CA ARG B 192 19.41 12.80 -18.07
C ARG B 192 20.00 13.18 -16.74
N THR B 193 19.84 12.50 -15.64
CA THR B 193 20.26 12.87 -14.33
C THR B 193 21.26 11.93 -13.70
N ASN B 194 20.88 10.80 -13.40
CA ASN B 194 21.13 9.57 -12.85
C ASN B 194 21.70 8.49 -13.68
N ASN B 195 22.47 7.52 -13.23
CA ASN B 195 22.90 6.36 -14.07
C ASN B 195 22.79 5.12 -13.19
N THR B 196 22.66 5.28 -11.90
CA THR B 196 22.43 4.16 -10.98
C THR B 196 21.35 4.56 -10.00
N ALA B 197 20.86 3.60 -9.25
CA ALA B 197 19.87 3.64 -8.17
C ALA B 197 20.44 2.73 -7.08
N THR B 198 20.42 3.10 -5.83
CA THR B 198 20.91 2.26 -4.73
C THR B 198 19.90 2.32 -3.60
N ILE B 199 19.49 1.18 -3.13
CA ILE B 199 18.53 1.10 -2.03
C ILE B 199 19.10 0.17 -0.98
N VAL B 200 19.13 0.51 0.28
CA VAL B 200 19.59 -0.39 1.38
C VAL B 200 18.32 -0.92 2.00
N ILE B 201 18.19 -2.23 2.10
CA ILE B 201 16.98 -2.89 2.63
C ILE B 201 17.27 -3.57 3.97
N PRO B 202 16.62 -3.09 5.02
CA PRO B 202 16.69 -3.71 6.33
C PRO B 202 15.82 -4.96 6.29
N TYR B 203 15.92 -5.91 7.10
CA TYR B 203 15.11 -7.14 7.13
C TYR B 203 13.72 -6.83 7.57
N ILE B 204 12.66 -7.03 6.84
CA ILE B 204 11.28 -6.66 7.26
C ILE B 204 10.41 -7.88 7.33
N ASN B 205 9.98 -8.36 8.42
CA ASN B 205 9.14 -9.58 8.53
C ASN B 205 8.31 -9.49 9.80
N SER B 206 7.32 -10.35 9.98
CA SER B 206 6.44 -10.40 11.14
C SER B 206 6.96 -11.50 12.11
N VAL B 207 8.02 -12.16 11.73
CA VAL B 207 8.72 -13.12 12.59
C VAL B 207 10.19 -12.76 12.61
N PRO B 208 10.90 -13.15 13.67
CA PRO B 208 12.29 -12.73 13.82
C PRO B 208 13.26 -13.29 12.82
N ILE B 209 12.99 -14.40 12.26
CA ILE B 209 13.80 -15.16 11.31
C ILE B 209 12.79 -16.11 10.64
N ASP B 210 13.05 -16.47 9.44
CA ASP B 210 12.08 -17.26 8.66
C ASP B 210 12.76 -18.24 7.78
N SER B 211 12.05 -18.92 6.94
CA SER B 211 12.67 -19.85 5.98
C SER B 211 13.10 -19.08 4.76
N MET B 212 14.24 -19.34 4.18
CA MET B 212 14.64 -18.54 3.00
C MET B 212 14.08 -19.11 1.75
N THR B 213 13.55 -20.30 1.76
CA THR B 213 13.08 -20.91 0.51
C THR B 213 11.62 -20.83 0.45
N ARG B 214 10.81 -20.97 1.45
CA ARG B 214 9.34 -20.93 1.20
C ARG B 214 8.83 -19.54 1.21
N HIS B 215 9.62 -18.55 1.51
CA HIS B 215 9.03 -17.16 1.54
C HIS B 215 10.00 -16.10 1.09
N ASN B 216 9.68 -15.30 0.12
CA ASN B 216 10.56 -14.24 -0.37
C ASN B 216 10.07 -13.00 0.37
N ASN B 217 10.94 -12.13 0.81
CA ASN B 217 10.43 -11.02 1.62
C ASN B 217 10.48 -9.74 0.88
N VAL B 218 11.04 -9.60 -0.29
CA VAL B 218 10.91 -8.31 -1.06
C VAL B 218 10.96 -8.72 -2.54
N SER B 219 10.32 -7.92 -3.33
CA SER B 219 10.56 -8.11 -4.82
C SER B 219 11.25 -6.76 -5.17
N LEU B 220 12.24 -6.81 -5.94
CA LEU B 220 12.92 -5.61 -6.49
C LEU B 220 12.24 -5.46 -7.84
N MET B 221 11.85 -4.35 -8.29
CA MET B 221 11.17 -4.21 -9.60
C MET B 221 11.82 -3.09 -10.37
N VAL B 222 12.23 -3.28 -11.59
CA VAL B 222 12.79 -2.15 -12.40
C VAL B 222 11.77 -1.98 -13.54
N ILE B 223 11.14 -0.85 -13.70
CA ILE B 223 10.08 -0.62 -14.72
C ILE B 223 10.34 0.56 -15.58
N PRO B 224 10.49 0.42 -16.89
CA PRO B 224 10.67 1.66 -17.73
C PRO B 224 9.37 2.45 -17.60
N ILE B 225 9.35 3.70 -17.38
CA ILE B 225 8.15 4.55 -17.29
C ILE B 225 8.19 5.57 -18.44
N ALA B 226 9.24 6.34 -18.59
CA ALA B 226 9.35 7.19 -19.79
C ALA B 226 10.21 6.24 -20.68
N PRO B 227 9.62 5.87 -21.79
CA PRO B 227 10.22 4.98 -22.79
C PRO B 227 11.62 5.41 -23.17
N LEU B 228 12.41 4.39 -23.53
CA LEU B 228 13.82 4.70 -23.94
C LEU B 228 13.77 5.39 -25.28
N THR B 229 14.48 6.46 -25.43
CA THR B 229 14.52 7.14 -26.77
C THR B 229 15.93 7.37 -27.16
N VAL B 230 16.49 6.62 -28.13
CA VAL B 230 17.92 6.85 -28.44
C VAL B 230 18.11 7.91 -29.51
N PRO B 231 19.30 8.49 -29.50
CA PRO B 231 19.65 9.49 -30.54
C PRO B 231 19.52 8.79 -31.88
N THR B 232 19.43 9.59 -32.90
CA THR B 232 19.24 9.19 -34.26
C THR B 232 20.32 8.25 -34.78
N GLY B 233 19.67 7.18 -35.31
CA GLY B 233 20.57 6.07 -35.81
C GLY B 233 21.45 5.51 -34.72
N ALA B 234 21.00 5.61 -33.49
CA ALA B 234 21.74 4.92 -32.39
C ALA B 234 21.13 3.54 -32.36
N THR B 235 21.84 2.59 -31.79
CA THR B 235 21.16 1.32 -31.54
C THR B 235 20.00 1.57 -30.57
N PRO B 236 18.95 1.01 -30.87
CA PRO B 236 17.76 1.25 -30.01
C PRO B 236 17.77 0.44 -28.77
N SER B 237 18.84 0.25 -28.05
CA SER B 237 18.62 -0.44 -26.70
C SER B 237 19.77 -0.15 -25.78
N LEU B 238 19.58 -0.34 -24.49
CA LEU B 238 20.65 -0.18 -23.43
C LEU B 238 20.59 -1.38 -22.53
N PRO B 239 21.66 -1.89 -22.01
CA PRO B 239 21.57 -3.03 -21.01
C PRO B 239 21.27 -2.43 -19.66
N ILE B 240 20.62 -3.11 -18.80
CA ILE B 240 20.41 -2.67 -17.38
C ILE B 240 21.12 -3.74 -16.53
N THR B 241 21.97 -3.47 -15.61
CA THR B 241 22.57 -4.53 -14.77
C THR B 241 22.14 -4.44 -13.35
N VAL B 242 21.85 -5.51 -12.66
CA VAL B 242 21.46 -5.40 -11.20
C VAL B 242 22.55 -6.03 -10.37
N THR B 243 23.22 -5.38 -9.44
CA THR B 243 24.21 -6.04 -8.52
C THR B 243 23.64 -5.97 -7.14
N ILE B 244 23.54 -6.98 -6.38
CA ILE B 244 22.97 -7.04 -5.03
C ILE B 244 23.87 -7.71 -3.99
N ALA B 245 23.98 -7.13 -2.79
CA ALA B 245 24.83 -7.71 -1.73
C ALA B 245 24.10 -8.02 -0.47
N PRO B 246 24.03 -9.23 -0.03
CA PRO B 246 23.44 -9.53 1.30
C PRO B 246 24.26 -8.75 2.32
N MET B 247 23.55 -8.32 3.37
CA MET B 247 24.27 -7.55 4.46
C MET B 247 23.57 -7.93 5.76
N CYS B 248 24.45 -8.07 6.77
CA CYS B 248 24.18 -8.60 8.08
C CYS B 248 23.51 -9.99 7.99
N THR B 249 23.88 -10.88 7.18
CA THR B 249 23.23 -12.18 7.06
C THR B 249 23.49 -13.07 8.22
N GLU B 250 22.46 -13.81 8.66
CA GLU B 250 22.60 -14.80 9.76
C GLU B 250 21.81 -16.07 9.34
N PHE B 251 22.40 -17.18 9.60
CA PHE B 251 21.73 -18.46 9.27
C PHE B 251 21.59 -19.22 10.56
N SER B 252 20.59 -20.00 10.70
CA SER B 252 20.38 -20.80 11.93
C SER B 252 19.63 -22.06 11.62
N GLY B 253 19.90 -23.09 12.44
CA GLY B 253 19.23 -24.41 12.26
C GLY B 253 19.80 -25.16 11.08
N ILE B 254 21.06 -25.55 11.16
CA ILE B 254 21.80 -26.23 10.14
C ILE B 254 21.47 -27.74 10.19
N ARG B 255 21.55 -28.30 9.02
CA ARG B 255 21.18 -29.71 8.83
C ARG B 255 21.49 -30.23 7.44
N SER B 256 20.51 -30.93 6.94
CA SER B 256 20.67 -31.74 5.78
C SER B 256 20.60 -30.97 4.54
N LYS B 257 20.02 -29.88 4.29
CA LYS B 257 20.09 -29.34 2.86
C LYS B 257 18.77 -29.54 2.11
N SER B 258 17.97 -28.50 2.03
CA SER B 258 16.67 -28.48 1.49
C SER B 258 16.69 -28.92 0.03
N ILE B 259 15.58 -29.57 -0.30
CA ILE B 259 15.36 -29.97 -1.76
C ILE B 259 14.13 -29.21 -2.24
N VAL B 260 14.23 -28.37 -3.24
CA VAL B 260 12.93 -27.58 -3.48
C VAL B 260 12.47 -27.91 -4.86
N PRO B 261 11.17 -27.79 -5.10
CA PRO B 261 10.62 -28.01 -6.38
C PRO B 261 11.46 -27.34 -7.49
N GLN B 262 11.47 -28.19 -8.53
CA GLN B 262 11.94 -28.01 -9.89
C GLN B 262 13.41 -27.78 -9.95
N GLY C 1 -29.71 -3.69 46.41
CA GLY C 1 -30.18 -3.09 45.03
C GLY C 1 -30.32 -1.67 44.65
N LEU C 2 -29.40 -1.00 43.92
CA LEU C 2 -29.42 0.42 43.59
C LEU C 2 -30.39 0.85 42.54
N PRO C 3 -31.31 1.79 42.74
CA PRO C 3 -32.35 2.17 41.75
C PRO C 3 -31.82 2.82 40.52
N THR C 4 -32.15 2.41 39.31
CA THR C 4 -31.73 2.92 38.03
C THR C 4 -32.95 3.24 37.16
N THR C 5 -32.72 3.97 36.10
CA THR C 5 -33.68 4.32 35.06
C THR C 5 -33.09 4.13 33.68
N THR C 6 -33.63 3.43 32.71
CA THR C 6 -32.77 3.34 31.43
C THR C 6 -33.17 4.38 30.49
N LEU C 7 -32.23 4.95 29.71
CA LEU C 7 -32.59 6.07 28.78
C LEU C 7 -32.86 5.54 27.35
N PRO C 8 -33.41 6.46 26.57
CA PRO C 8 -33.61 6.19 25.14
C PRO C 8 -32.25 5.76 24.62
N GLY C 9 -32.14 4.78 23.78
CA GLY C 9 -30.89 4.36 23.14
C GLY C 9 -30.40 3.06 23.77
N SER C 10 -31.00 2.73 24.92
CA SER C 10 -30.57 1.46 25.55
C SER C 10 -30.72 0.33 24.52
N GLY C 11 -29.85 -0.62 24.61
CA GLY C 11 -29.78 -1.72 23.71
C GLY C 11 -29.37 -1.37 22.32
N GLN C 12 -29.12 -0.20 21.91
CA GLN C 12 -28.75 0.02 20.47
C GLN C 12 -27.35 -0.42 20.22
N PHE C 13 -26.97 -0.71 19.02
CA PHE C 13 -25.55 -1.03 18.59
C PHE C 13 -25.10 0.07 17.63
N LEU C 14 -24.20 0.91 18.01
CA LEU C 14 -23.73 2.03 17.14
C LEU C 14 -22.36 1.63 16.65
N THR C 15 -22.09 1.40 15.39
CA THR C 15 -20.78 0.80 15.00
C THR C 15 -19.62 1.64 15.43
N THR C 16 -19.78 2.86 15.86
CA THR C 16 -18.76 3.84 16.20
C THR C 16 -18.51 4.16 17.62
N ASP C 17 -19.19 3.50 18.56
CA ASP C 17 -19.12 3.71 19.97
C ASP C 17 -17.86 2.98 20.45
N ASP C 18 -17.31 3.27 21.61
CA ASP C 18 -16.07 2.60 22.06
C ASP C 18 -16.16 2.23 23.52
N ARG C 19 -16.47 1.00 23.82
CA ARG C 19 -16.67 0.57 25.21
C ARG C 19 -15.90 -0.72 25.52
N GLN C 20 -16.00 -1.14 26.81
CA GLN C 20 -15.30 -2.37 27.24
C GLN C 20 -16.17 -3.59 26.99
N SER C 21 -15.64 -4.74 26.85
CA SER C 21 -16.27 -6.00 26.62
C SER C 21 -15.54 -7.08 27.37
N PRO C 22 -16.25 -8.09 27.71
CA PRO C 22 -15.54 -9.28 28.32
C PRO C 22 -14.62 -9.93 27.29
N SER C 23 -13.44 -10.40 27.70
CA SER C 23 -12.57 -11.16 26.79
C SER C 23 -13.05 -12.62 26.73
N ALA C 24 -13.24 -13.17 25.56
CA ALA C 24 -13.62 -14.58 25.38
C ALA C 24 -12.49 -15.53 25.80
N LEU C 25 -11.28 -15.19 25.67
CA LEU C 25 -10.07 -15.87 25.99
C LEU C 25 -9.39 -15.26 27.25
N PRO C 26 -9.97 -15.55 28.39
CA PRO C 26 -9.42 -15.06 29.66
C PRO C 26 -8.04 -15.71 29.79
N ASN C 27 -7.13 -14.86 30.13
CA ASN C 27 -5.77 -15.13 30.47
C ASN C 27 -4.72 -15.53 29.48
N TYR C 28 -5.06 -15.42 28.28
CA TYR C 28 -4.27 -15.77 27.10
C TYR C 28 -3.15 -14.78 26.93
N GLU C 29 -2.03 -15.17 26.55
CA GLU C 29 -0.87 -14.35 26.36
C GLU C 29 -0.44 -14.17 24.97
N PRO C 30 -0.63 -12.97 24.41
CA PRO C 30 -0.31 -12.73 22.97
C PRO C 30 1.14 -12.86 22.63
N THR C 31 1.52 -13.15 21.38
CA THR C 31 2.92 -13.23 20.98
C THR C 31 3.59 -11.91 21.19
N PRO C 32 4.82 -11.94 21.65
CA PRO C 32 5.62 -10.72 21.92
C PRO C 32 5.70 -9.87 20.69
N ARG C 33 5.82 -8.58 20.77
CA ARG C 33 5.99 -7.80 19.48
C ARG C 33 7.47 -7.82 19.12
N ILE C 34 7.90 -7.90 17.91
CA ILE C 34 9.37 -7.76 17.62
C ILE C 34 9.43 -6.42 16.89
N HIS C 35 10.53 -5.94 16.46
CA HIS C 35 10.57 -4.59 15.82
C HIS C 35 10.32 -4.71 14.36
N ILE C 36 9.60 -3.88 13.71
CA ILE C 36 9.42 -4.08 12.20
C ILE C 36 9.63 -2.67 11.69
N PRO C 37 10.45 -2.35 10.75
CA PRO C 37 10.58 -0.96 10.23
C PRO C 37 9.25 -0.55 9.64
N GLY C 38 8.93 0.69 9.41
CA GLY C 38 7.79 1.15 8.75
C GLY C 38 6.54 1.42 9.42
N LYS C 39 6.41 1.64 10.70
CA LYS C 39 5.11 1.81 11.40
C LYS C 39 4.45 3.08 10.96
N VAL C 40 3.14 2.98 10.72
CA VAL C 40 2.31 4.17 10.30
C VAL C 40 1.47 4.60 11.48
N HIS C 41 1.34 5.85 11.82
CA HIS C 41 0.44 6.19 12.89
C HIS C 41 -0.75 6.98 12.36
N ASN C 42 -0.60 7.86 11.45
CA ASN C 42 -1.68 8.71 10.96
C ASN C 42 -1.79 8.59 9.46
N LEU C 43 -2.96 8.65 8.91
CA LEU C 43 -3.02 8.63 7.42
C LEU C 43 -2.36 9.94 6.93
N LEU C 44 -2.25 10.91 7.82
CA LEU C 44 -1.64 12.21 7.43
C LEU C 44 -0.17 11.96 7.20
N GLU C 45 0.39 10.89 7.77
CA GLU C 45 1.82 10.70 7.53
C GLU C 45 2.07 10.29 6.09
N ILE C 46 1.23 9.40 5.59
CA ILE C 46 1.44 8.87 4.26
C ILE C 46 0.99 9.76 3.14
N ILE C 47 -0.06 10.57 3.23
CA ILE C 47 -0.46 11.42 2.09
C ILE C 47 0.58 12.50 1.80
N GLN C 48 1.68 12.59 2.53
CA GLN C 48 2.75 13.54 2.21
C GLN C 48 3.79 12.91 1.31
N VAL C 49 3.76 11.63 1.09
CA VAL C 49 4.66 10.98 0.08
C VAL C 49 4.06 11.23 -1.29
N ASP C 50 4.84 11.68 -2.26
CA ASP C 50 4.18 11.99 -3.58
C ASP C 50 4.11 10.70 -4.40
N THR C 51 3.09 10.66 -5.22
CA THR C 51 2.82 9.58 -6.18
C THR C 51 2.43 10.24 -7.50
N LEU C 52 2.58 9.52 -8.56
CA LEU C 52 2.38 9.92 -9.94
C LEU C 52 0.88 10.12 -10.23
N ILE C 53 0.53 11.08 -11.02
CA ILE C 53 -0.82 11.38 -11.48
C ILE C 53 -1.02 10.95 -12.93
N PRO C 54 -2.00 10.13 -13.22
CA PRO C 54 -2.23 9.74 -14.65
C PRO C 54 -2.83 10.96 -15.32
N MET C 55 -2.09 12.00 -15.59
CA MET C 55 -2.58 13.24 -16.14
C MET C 55 -3.09 13.13 -17.56
N ASN C 56 -2.44 12.33 -18.36
CA ASN C 56 -2.68 12.01 -19.72
C ASN C 56 -3.78 10.95 -19.93
N ASN C 57 -4.78 10.95 -19.10
CA ASN C 57 -6.02 10.36 -19.18
C ASN C 57 -6.78 10.09 -20.47
N THR C 58 -6.38 10.53 -21.57
CA THR C 58 -6.94 10.49 -22.86
C THR C 58 -6.92 9.14 -23.47
N HIS C 59 -6.29 8.18 -22.87
CA HIS C 59 -6.38 6.83 -23.50
C HIS C 59 -7.75 6.22 -23.24
N THR C 60 -7.84 5.03 -23.82
CA THR C 60 -9.05 4.24 -23.78
C THR C 60 -9.03 3.00 -22.96
N LYS C 61 -7.89 2.56 -22.52
CA LYS C 61 -7.78 1.40 -21.56
C LYS C 61 -6.64 1.83 -20.64
N ASP C 62 -6.49 1.44 -19.41
CA ASP C 62 -5.43 1.98 -18.54
C ASP C 62 -4.05 1.62 -19.14
N GLU C 63 -3.19 2.56 -19.28
CA GLU C 63 -1.84 2.30 -19.82
C GLU C 63 -0.79 3.17 -19.19
N VAL C 64 0.49 2.71 -19.23
CA VAL C 64 1.61 3.38 -18.58
C VAL C 64 1.77 4.77 -19.18
N ASN C 65 1.01 5.08 -20.13
CA ASN C 65 1.23 6.20 -21.01
C ASN C 65 0.42 7.36 -20.63
N SER C 66 -0.40 7.03 -19.65
CA SER C 66 -1.36 8.14 -19.22
C SER C 66 -0.71 8.83 -18.04
N TYR C 67 0.50 8.32 -17.71
CA TYR C 67 1.31 8.96 -16.67
C TYR C 67 2.24 9.94 -17.39
N LEU C 68 2.39 9.82 -18.70
CA LEU C 68 3.33 10.66 -19.44
C LEU C 68 2.65 11.86 -20.08
N ILE C 69 3.04 13.07 -19.70
CA ILE C 69 2.58 14.33 -20.33
C ILE C 69 3.55 14.64 -21.45
N PRO C 70 3.14 14.67 -22.70
CA PRO C 70 4.12 14.87 -23.80
C PRO C 70 4.40 16.34 -23.98
N LEU C 71 5.55 16.62 -24.53
CA LEU C 71 6.04 17.97 -24.82
C LEU C 71 6.50 17.95 -26.29
N ASN C 72 6.22 18.98 -27.05
CA ASN C 72 6.62 19.11 -28.43
C ASN C 72 7.72 20.08 -28.66
N ALA C 73 8.82 19.79 -29.38
CA ALA C 73 9.89 20.82 -29.60
C ALA C 73 9.40 21.98 -30.44
N ASN C 74 10.07 23.08 -30.33
CA ASN C 74 9.68 24.28 -30.99
C ASN C 74 8.28 24.74 -30.93
N ARG C 75 7.39 24.47 -30.04
CA ARG C 75 6.07 25.22 -30.04
C ARG C 75 6.29 26.43 -29.08
N GLN C 76 5.67 27.48 -29.28
CA GLN C 76 5.81 28.77 -28.54
C GLN C 76 4.48 29.04 -27.88
N ASN C 77 4.28 29.98 -27.03
CA ASN C 77 3.02 30.38 -26.45
C ASN C 77 2.03 29.34 -26.11
N GLU C 78 1.99 28.13 -26.45
CA GLU C 78 0.92 27.12 -26.32
C GLU C 78 0.69 26.41 -25.05
N GLN C 79 -0.35 25.60 -24.88
CA GLN C 79 -0.67 24.98 -23.59
C GLN C 79 -0.34 23.54 -23.45
N VAL C 80 0.42 23.13 -22.40
CA VAL C 80 0.84 21.75 -22.18
C VAL C 80 -0.22 20.86 -21.59
N PHE C 81 -1.02 21.27 -20.67
CA PHE C 81 -2.05 20.37 -20.05
C PHE C 81 -3.01 21.25 -19.25
N GLY C 82 -4.09 20.73 -18.75
CA GLY C 82 -5.04 21.57 -17.95
C GLY C 82 -5.82 20.51 -17.13
N THR C 83 -6.34 20.85 -16.03
CA THR C 83 -7.15 20.03 -15.19
C THR C 83 -7.84 20.87 -14.12
N ASN C 84 -9.01 20.46 -13.67
CA ASN C 84 -9.57 21.25 -12.50
C ASN C 84 -8.94 20.62 -11.23
N LEU C 85 -9.25 21.18 -10.09
CA LEU C 85 -8.63 20.57 -8.87
C LEU C 85 -9.70 19.91 -8.04
N PHE C 86 -10.36 18.94 -8.59
CA PHE C 86 -11.33 18.16 -7.72
C PHE C 86 -10.46 16.96 -7.34
N ILE C 87 -9.75 17.08 -6.21
CA ILE C 87 -8.86 16.01 -5.78
C ILE C 87 -9.57 14.71 -5.56
N GLY C 88 -10.87 14.69 -5.44
CA GLY C 88 -11.52 13.38 -5.23
C GLY C 88 -12.05 12.76 -6.50
N ASP C 89 -11.69 13.25 -7.65
CA ASP C 89 -12.23 12.79 -8.89
C ASP C 89 -11.32 12.93 -10.03
N GLY C 90 -11.66 12.41 -11.23
CA GLY C 90 -10.77 12.76 -12.37
C GLY C 90 -9.37 12.38 -12.30
N VAL C 91 -8.36 13.11 -12.74
CA VAL C 91 -6.95 12.61 -12.68
C VAL C 91 -6.52 12.18 -11.29
N PHE C 92 -6.79 12.96 -10.27
CA PHE C 92 -6.40 12.78 -8.90
C PHE C 92 -6.91 11.54 -8.25
N LYS C 93 -8.01 11.09 -8.72
CA LYS C 93 -8.79 10.04 -8.03
C LYS C 93 -8.12 8.75 -7.74
N THR C 94 -7.16 8.26 -8.46
CA THR C 94 -6.51 6.95 -8.29
C THR C 94 -5.16 7.10 -7.60
N THR C 95 -4.73 8.34 -7.48
CA THR C 95 -3.46 8.61 -6.79
C THR C 95 -3.67 8.28 -5.31
N LEU C 96 -2.60 8.08 -4.57
CA LEU C 96 -2.71 7.78 -3.13
C LEU C 96 -3.43 8.88 -2.39
N LEU C 97 -3.16 10.13 -2.76
CA LEU C 97 -3.79 11.28 -2.16
C LEU C 97 -5.30 11.19 -2.45
N GLY C 98 -5.59 11.05 -3.71
CA GLY C 98 -6.99 11.00 -4.13
C GLY C 98 -7.73 9.87 -3.42
N GLU C 99 -7.03 8.79 -3.28
CA GLU C 99 -7.54 7.52 -2.76
C GLU C 99 -7.82 7.60 -1.30
N ILE C 100 -7.08 8.40 -0.53
CA ILE C 100 -7.28 8.58 0.91
C ILE C 100 -8.30 9.65 1.21
N VAL C 101 -8.25 10.72 0.47
CA VAL C 101 -9.19 11.84 0.56
C VAL C 101 -10.62 11.32 0.48
N GLN C 102 -10.77 10.28 -0.28
CA GLN C 102 -12.06 9.64 -0.51
C GLN C 102 -12.53 8.92 0.72
N TYR C 103 -11.69 8.64 1.71
CA TYR C 103 -12.21 8.06 2.97
C TYR C 103 -12.72 9.18 3.83
N TYR C 104 -12.57 10.43 3.44
CA TYR C 104 -13.09 11.51 4.35
C TYR C 104 -14.02 12.41 3.62
N THR C 105 -14.88 13.12 4.34
CA THR C 105 -15.82 14.03 3.71
C THR C 105 -15.32 15.40 3.38
N HIS C 106 -14.49 15.99 4.17
CA HIS C 106 -13.98 17.38 4.05
C HIS C 106 -12.47 17.42 3.98
N TRP C 107 -11.87 18.33 3.27
CA TRP C 107 -10.38 18.42 3.26
C TRP C 107 -10.08 19.93 3.33
N SER C 108 -8.94 20.30 3.78
CA SER C 108 -8.51 21.71 3.75
C SER C 108 -6.99 21.66 3.70
N GLY C 109 -6.28 22.65 3.18
CA GLY C 109 -4.83 22.55 3.15
C GLY C 109 -4.15 22.85 1.86
N SER C 110 -2.75 22.82 1.96
CA SER C 110 -2.11 23.11 0.60
C SER C 110 -1.70 21.87 -0.11
N LEU C 111 -1.65 21.83 -1.42
CA LEU C 111 -1.27 20.63 -2.20
C LEU C 111 0.11 20.89 -2.80
N ARG C 112 0.85 19.78 -2.99
CA ARG C 112 2.16 20.10 -3.67
C ARG C 112 2.13 19.37 -4.97
N PHE C 113 2.21 20.07 -6.08
CA PHE C 113 2.21 19.48 -7.46
C PHE C 113 3.57 19.61 -8.08
N SER C 114 4.33 18.64 -8.37
CA SER C 114 5.67 18.77 -8.97
C SER C 114 5.73 18.07 -10.31
N LEU C 115 6.63 18.43 -11.15
CA LEU C 115 6.80 17.90 -12.53
C LEU C 115 8.25 17.46 -12.65
N MET C 116 8.54 16.25 -13.03
CA MET C 116 10.03 15.91 -13.19
C MET C 116 10.27 15.81 -14.69
N TYR C 117 11.26 16.47 -15.25
CA TYR C 117 11.51 16.43 -16.71
C TYR C 117 12.39 15.25 -17.08
N THR C 118 12.07 14.55 -18.19
CA THR C 118 12.81 13.37 -18.61
C THR C 118 13.50 13.48 -19.96
N GLY C 119 13.46 14.64 -20.63
CA GLY C 119 14.12 14.83 -21.95
C GLY C 119 15.62 14.71 -21.92
N PRO C 120 16.23 14.52 -23.11
CA PRO C 120 17.73 14.42 -23.14
C PRO C 120 18.31 15.57 -22.32
N ALA C 121 19.46 15.25 -21.71
CA ALA C 121 20.22 16.24 -21.00
C ALA C 121 20.63 17.45 -21.84
N LEU C 122 20.91 17.37 -23.10
CA LEU C 122 21.35 18.49 -23.96
C LEU C 122 20.19 19.31 -24.53
N SER C 123 18.96 19.10 -24.02
CA SER C 123 17.83 19.91 -24.47
C SER C 123 17.54 21.01 -23.44
N SER C 124 16.59 21.87 -23.68
CA SER C 124 16.34 22.93 -22.65
C SER C 124 14.91 23.36 -22.77
N ALA C 125 14.31 23.97 -21.80
CA ALA C 125 12.87 24.36 -21.97
C ALA C 125 12.54 25.29 -20.82
N LYS C 126 11.56 26.14 -20.97
CA LYS C 126 11.03 26.99 -19.89
C LYS C 126 9.48 26.87 -20.00
N LEU C 127 8.88 26.38 -18.93
CA LEU C 127 7.48 26.22 -18.78
C LEU C 127 6.94 27.10 -17.68
N ILE C 128 5.70 27.45 -17.75
CA ILE C 128 5.01 28.22 -16.66
C ILE C 128 3.87 27.36 -16.08
N LEU C 129 3.78 27.14 -14.80
CA LEU C 129 2.66 26.38 -14.25
C LEU C 129 1.76 27.45 -13.56
N ALA C 130 0.48 27.36 -13.69
CA ALA C 130 -0.36 28.41 -13.11
C ALA C 130 -1.47 27.74 -12.34
N TYR C 131 -1.78 28.21 -11.14
CA TYR C 131 -2.90 27.81 -10.31
C TYR C 131 -3.96 28.92 -10.44
N THR C 132 -5.17 28.65 -10.76
CA THR C 132 -6.20 29.75 -10.92
C THR C 132 -7.18 29.57 -9.77
N PRO C 133 -7.28 30.47 -8.85
CA PRO C 133 -8.15 30.29 -7.65
C PRO C 133 -9.61 30.40 -8.08
N PRO C 134 -10.46 29.82 -7.30
CA PRO C 134 -11.89 29.64 -7.62
C PRO C 134 -12.49 30.93 -8.01
N GLY C 135 -13.42 30.95 -8.98
CA GLY C 135 -14.02 32.27 -9.30
C GLY C 135 -13.81 32.69 -10.69
N ALA C 136 -12.78 32.22 -11.32
CA ALA C 136 -12.51 32.53 -12.78
C ALA C 136 -12.60 31.24 -13.55
N ARG C 137 -12.62 31.21 -14.84
CA ARG C 137 -12.64 30.00 -15.66
C ARG C 137 -11.24 29.41 -15.81
N GLY C 138 -11.19 28.18 -16.30
CA GLY C 138 -9.78 27.62 -16.59
C GLY C 138 -9.24 28.65 -17.61
N PRO C 139 -8.00 29.05 -17.40
CA PRO C 139 -7.38 30.05 -18.30
C PRO C 139 -7.37 29.44 -19.71
N GLN C 140 -7.53 30.30 -20.64
CA GLN C 140 -7.52 30.03 -22.05
C GLN C 140 -6.29 30.37 -22.81
N ASP C 141 -5.36 31.05 -22.31
CA ASP C 141 -4.07 31.40 -22.95
C ASP C 141 -3.18 31.83 -21.77
N ARG C 142 -1.92 31.80 -21.97
CA ARG C 142 -0.91 32.08 -20.91
C ARG C 142 -1.15 33.45 -20.34
N ARG C 143 -1.71 34.34 -21.16
CA ARG C 143 -1.75 35.73 -20.60
C ARG C 143 -2.74 35.62 -19.44
N GLU C 144 -3.77 34.90 -19.79
CA GLU C 144 -4.81 34.77 -18.77
C GLU C 144 -4.23 34.00 -17.62
N ALA C 145 -3.43 32.98 -17.94
CA ALA C 145 -2.93 32.06 -16.88
C ALA C 145 -1.94 32.75 -15.95
N MET C 146 -1.08 33.53 -16.52
CA MET C 146 0.04 34.15 -15.79
C MET C 146 -0.46 35.15 -14.79
N LEU C 147 -1.70 35.59 -14.75
CA LEU C 147 -2.16 36.59 -13.76
C LEU C 147 -2.55 35.97 -12.40
N GLY C 148 -2.41 34.72 -12.18
CA GLY C 148 -2.75 33.98 -10.97
C GLY C 148 -1.45 33.31 -10.53
N THR C 149 -1.55 32.43 -9.56
CA THR C 149 -0.40 31.77 -8.93
C THR C 149 0.38 31.05 -9.99
N HIS C 150 1.64 31.34 -10.11
CA HIS C 150 2.38 30.66 -11.24
C HIS C 150 3.84 30.54 -10.89
N VAL C 151 4.64 29.72 -11.50
CA VAL C 151 6.06 29.53 -11.32
C VAL C 151 6.72 29.41 -12.70
N VAL C 152 7.66 30.23 -13.10
CA VAL C 152 8.36 29.93 -14.40
C VAL C 152 9.36 28.85 -14.06
N TRP C 153 9.29 27.72 -14.66
CA TRP C 153 10.22 26.59 -14.37
C TRP C 153 11.35 26.57 -15.33
N ASP C 154 12.59 26.57 -14.97
CA ASP C 154 13.67 26.58 -16.05
C ASP C 154 14.23 25.17 -15.98
N ILE C 155 14.15 24.42 -17.02
CA ILE C 155 14.61 22.96 -17.01
C ILE C 155 16.08 22.94 -16.96
N GLY C 156 16.63 22.30 -15.90
CA GLY C 156 18.08 22.30 -15.77
C GLY C 156 18.54 20.99 -15.16
N LEU C 157 19.68 21.15 -14.50
CA LEU C 157 20.35 20.08 -13.81
C LEU C 157 19.42 19.49 -12.79
N GLN C 158 18.87 20.32 -12.01
CA GLN C 158 17.75 20.04 -11.06
C GLN C 158 16.53 19.74 -11.91
N SER C 159 16.18 18.44 -11.81
CA SER C 159 15.19 17.84 -12.70
C SER C 159 13.76 18.11 -12.39
N THR C 160 13.36 18.28 -11.15
CA THR C 160 11.98 18.51 -10.73
C THR C 160 11.70 19.89 -10.23
N ILE C 161 10.51 20.38 -10.34
CA ILE C 161 10.00 21.62 -9.91
C ILE C 161 8.76 21.28 -9.03
N VAL C 162 8.67 21.88 -7.90
CA VAL C 162 7.61 21.69 -6.96
C VAL C 162 6.74 22.91 -6.87
N MET C 163 5.57 22.88 -7.41
CA MET C 163 4.62 23.96 -7.33
C MET C 163 3.70 23.69 -6.14
N THR C 164 3.36 24.66 -5.41
CA THR C 164 2.40 24.45 -4.23
C THR C 164 1.10 25.04 -4.58
N ILE C 165 -0.01 24.44 -4.40
CA ILE C 165 -1.34 25.18 -4.65
C ILE C 165 -1.70 25.71 -3.30
N PRO C 166 -1.32 26.91 -2.95
CA PRO C 166 -1.63 27.41 -1.57
C PRO C 166 -3.09 27.41 -1.31
N TRP C 167 -3.54 27.10 -0.10
CA TRP C 167 -4.96 27.10 0.25
C TRP C 167 -5.57 28.53 0.07
N THR C 168 -6.33 28.70 -1.01
CA THR C 168 -7.07 29.92 -1.26
C THR C 168 -8.55 29.66 -1.07
N SER C 169 -9.14 30.15 0.01
CA SER C 169 -10.54 29.82 0.26
C SER C 169 -11.24 30.71 1.21
N GLY C 170 -12.53 30.88 0.99
CA GLY C 170 -13.38 31.67 1.91
C GLY C 170 -13.65 30.68 3.09
N VAL C 171 -14.49 29.72 2.83
CA VAL C 171 -14.91 28.61 3.66
C VAL C 171 -13.64 27.83 4.01
N GLN C 172 -13.51 27.41 5.24
CA GLN C 172 -12.28 26.70 5.68
C GLN C 172 -12.25 25.27 5.37
N PHE C 173 -13.25 24.67 4.84
CA PHE C 173 -13.19 23.24 4.38
C PHE C 173 -13.93 23.14 3.07
N ARG C 174 -13.53 22.25 2.28
CA ARG C 174 -14.17 21.93 0.98
C ARG C 174 -14.60 20.48 1.06
N TYR C 175 -15.52 20.14 0.23
CA TYR C 175 -15.93 18.70 0.10
C TYR C 175 -14.97 17.90 -0.74
N THR C 176 -14.65 16.63 -0.40
CA THR C 176 -13.76 15.84 -1.28
C THR C 176 -14.51 15.42 -2.53
N ASP C 177 -15.74 15.11 -2.38
CA ASP C 177 -16.60 14.76 -3.59
C ASP C 177 -16.89 16.07 -4.25
N PRO C 178 -16.81 16.16 -5.54
CA PRO C 178 -16.80 17.50 -6.22
C PRO C 178 -18.08 18.21 -5.92
N ASP C 179 -17.89 19.46 -5.54
CA ASP C 179 -19.03 20.37 -5.23
C ASP C 179 -18.71 21.78 -5.69
N THR C 180 -19.69 22.51 -6.15
CA THR C 180 -19.45 23.81 -6.75
C THR C 180 -19.00 24.90 -5.81
N TYR C 181 -19.81 25.10 -4.80
CA TYR C 181 -19.64 26.23 -3.88
C TYR C 181 -18.20 26.16 -3.34
N THR C 182 -17.89 24.92 -3.00
CA THR C 182 -16.67 24.39 -2.48
C THR C 182 -15.62 24.11 -3.50
N SER C 183 -15.63 24.68 -4.68
CA SER C 183 -14.64 24.20 -5.71
C SER C 183 -13.31 24.82 -5.59
N ALA C 184 -12.18 24.24 -5.97
CA ALA C 184 -10.89 24.82 -5.75
C ALA C 184 -10.12 25.48 -6.81
N GLY C 185 -10.54 25.60 -8.04
CA GLY C 185 -9.69 26.21 -9.10
C GLY C 185 -9.26 25.30 -10.23
N PHE C 186 -8.28 25.72 -10.98
CA PHE C 186 -7.73 25.03 -12.07
C PHE C 186 -6.21 25.09 -12.01
N LEU C 187 -5.64 24.14 -12.72
CA LEU C 187 -4.13 24.11 -12.78
C LEU C 187 -3.77 24.05 -14.23
N SER C 188 -3.02 24.89 -14.85
CA SER C 188 -2.67 24.76 -16.29
C SER C 188 -1.18 24.87 -16.44
N CYS C 189 -0.61 24.57 -17.60
CA CYS C 189 0.89 24.68 -17.82
C CYS C 189 1.09 25.05 -19.29
N TRP C 190 1.97 25.98 -19.65
CA TRP C 190 2.16 26.50 -21.00
C TRP C 190 3.60 26.61 -21.31
N TYR C 191 4.01 26.66 -22.54
CA TYR C 191 5.45 26.93 -22.87
C TYR C 191 5.76 28.36 -22.50
N GLN C 192 6.85 28.64 -21.84
CA GLN C 192 7.21 30.02 -21.42
C GLN C 192 8.09 30.57 -22.55
N THR C 193 8.97 29.69 -22.97
CA THR C 193 9.74 29.98 -24.21
C THR C 193 9.43 28.74 -25.07
N SER C 194 10.12 27.65 -24.91
CA SER C 194 9.71 26.47 -25.75
C SER C 194 10.67 25.37 -25.57
N LEU C 195 10.38 24.10 -25.84
CA LEU C 195 11.36 23.00 -25.64
C LEU C 195 12.33 23.01 -26.83
N ILE C 196 13.57 22.78 -26.66
CA ILE C 196 14.55 22.81 -27.83
C ILE C 196 15.35 21.56 -27.82
N LEU C 197 15.35 20.68 -28.80
CA LEU C 197 16.13 19.39 -28.62
C LEU C 197 17.50 19.57 -29.23
N PRO C 198 18.50 18.86 -28.76
CA PRO C 198 19.84 18.96 -29.40
C PRO C 198 19.77 18.27 -30.73
N PRO C 199 20.77 18.48 -31.57
CA PRO C 199 20.94 17.77 -32.82
C PRO C 199 20.90 16.25 -32.60
N GLU C 200 20.58 15.54 -33.67
CA GLU C 200 20.63 14.07 -33.65
C GLU C 200 19.56 13.53 -32.75
N THR C 201 18.65 14.36 -32.37
CA THR C 201 17.59 13.94 -31.43
C THR C 201 16.24 14.22 -31.97
N THR C 202 15.26 13.41 -31.60
CA THR C 202 13.91 13.75 -32.17
C THR C 202 12.70 13.25 -31.48
N GLY C 203 11.58 13.91 -31.85
CA GLY C 203 10.33 13.44 -31.21
C GLY C 203 9.87 14.12 -29.98
N GLN C 204 9.00 13.41 -29.24
CA GLN C 204 8.39 13.96 -28.03
C GLN C 204 9.23 13.66 -26.79
N VAL C 205 9.16 14.57 -25.86
CA VAL C 205 9.86 14.26 -24.53
C VAL C 205 8.70 14.22 -23.54
N TYR C 206 8.82 13.58 -22.38
CA TYR C 206 7.69 13.62 -21.45
C TYR C 206 8.03 14.15 -20.10
N LEU C 207 7.08 14.71 -19.42
CA LEU C 207 7.18 15.12 -18.02
C LEU C 207 6.41 14.04 -17.20
N LEU C 208 6.89 13.66 -16.06
CA LEU C 208 6.14 12.87 -15.10
C LEU C 208 5.54 13.86 -14.10
N SER C 209 4.37 13.64 -13.59
CA SER C 209 3.85 14.67 -12.59
C SER C 209 3.45 13.98 -11.31
N PHE C 210 3.76 14.54 -10.14
CA PHE C 210 3.35 13.89 -8.87
C PHE C 210 2.37 14.74 -8.09
N ILE C 211 1.65 14.21 -7.11
CA ILE C 211 0.86 14.99 -6.16
C ILE C 211 1.02 14.38 -4.74
N SER C 212 1.15 15.20 -3.77
CA SER C 212 1.19 14.94 -2.33
C SER C 212 0.64 16.15 -1.57
N ALA C 213 0.29 16.01 -0.33
CA ALA C 213 -0.30 17.07 0.47
C ALA C 213 0.72 17.80 1.29
N CYS C 214 0.62 19.07 1.50
CA CYS C 214 1.54 19.83 2.41
C CYS C 214 1.20 19.47 3.83
N PRO C 215 2.05 19.88 4.77
CA PRO C 215 1.90 19.54 6.18
C PRO C 215 0.76 20.30 6.79
N ASP C 216 0.12 21.18 6.22
CA ASP C 216 -0.92 22.11 6.24
C ASP C 216 -2.28 21.47 6.30
N PHE C 217 -2.37 20.34 5.60
CA PHE C 217 -3.52 19.55 5.26
C PHE C 217 -4.37 19.03 6.37
N LYS C 218 -5.64 19.03 6.27
CA LYS C 218 -6.59 18.46 7.24
C LYS C 218 -7.64 17.68 6.47
N LEU C 219 -8.08 16.60 6.95
CA LEU C 219 -9.11 15.69 6.37
C LEU C 219 -10.04 15.39 7.58
N ARG C 220 -11.29 15.34 7.45
CA ARG C 220 -12.18 15.02 8.55
C ARG C 220 -13.48 14.43 8.08
N LEU C 221 -14.21 13.81 9.02
CA LEU C 221 -15.48 13.16 8.89
C LEU C 221 -15.39 11.94 7.93
N MET C 222 -14.93 10.88 8.53
CA MET C 222 -14.72 9.61 7.76
C MET C 222 -16.03 9.08 7.22
N LYS C 223 -15.92 8.48 6.09
CA LYS C 223 -17.00 7.83 5.37
C LYS C 223 -16.43 6.75 4.43
N ASP C 224 -17.34 6.13 3.74
CA ASP C 224 -17.07 5.00 2.84
C ASP C 224 -16.65 5.45 1.46
N THR C 225 -15.78 4.72 0.81
CA THR C 225 -15.20 5.17 -0.47
C THR C 225 -16.06 4.64 -1.60
N GLN C 226 -16.22 5.46 -2.62
CA GLN C 226 -16.90 5.03 -3.83
C GLN C 226 -15.91 4.16 -4.60
N THR C 227 -14.69 4.07 -4.18
CA THR C 227 -13.74 3.29 -4.96
C THR C 227 -13.74 1.85 -4.81
N ILE C 228 -14.65 1.19 -4.17
CA ILE C 228 -14.69 -0.27 -4.01
C ILE C 228 -16.03 -0.81 -3.62
N SER C 229 -16.43 -1.87 -4.30
CA SER C 229 -17.82 -2.41 -4.01
C SER C 229 -17.84 -3.89 -4.34
N GLN C 230 -18.99 -4.51 -4.22
CA GLN C 230 -18.96 -5.98 -4.45
C GLN C 230 -20.37 -6.43 -4.60
N THR C 231 -20.56 -7.61 -5.23
CA THR C 231 -21.94 -8.10 -5.36
C THR C 231 -22.10 -9.38 -4.58
N VAL C 232 -21.15 -10.21 -4.39
CA VAL C 232 -21.47 -11.39 -3.45
C VAL C 232 -20.30 -11.54 -2.54
N ALA C 233 -20.51 -12.18 -1.39
CA ALA C 233 -19.30 -12.26 -0.49
C ALA C 233 -18.23 -13.10 -1.19
N LEU C 234 -16.99 -12.77 -1.01
CA LEU C 234 -15.93 -13.64 -1.59
C LEU C 234 -15.82 -14.88 -0.72
N THR C 235 -15.19 -15.89 -1.28
CA THR C 235 -14.85 -17.14 -0.52
C THR C 235 -13.43 -17.56 -0.83
N GLU C 236 -12.99 -18.64 -0.18
CA GLU C 236 -11.55 -19.05 -0.35
C GLU C 236 -11.45 -19.86 -1.64
N ILE D 29 -12.25 3.69 34.37
CA ILE D 29 -12.35 2.41 35.15
C ILE D 29 -12.46 1.13 34.37
N ASN D 30 -11.47 0.25 34.45
CA ASN D 30 -11.66 -1.00 33.64
C ASN D 30 -12.52 -1.91 34.46
N TYR D 31 -13.58 -2.49 33.96
CA TYR D 31 -14.37 -3.46 34.75
C TYR D 31 -13.90 -4.90 34.62
N TYR D 32 -13.03 -5.07 33.65
CA TYR D 32 -12.57 -6.39 33.24
C TYR D 32 -11.08 -6.56 33.42
N LYS D 33 -10.70 -7.83 33.59
CA LYS D 33 -9.35 -8.18 33.94
C LYS D 33 -8.34 -8.17 32.83
N ASP D 34 -8.73 -8.52 31.63
CA ASP D 34 -7.81 -8.68 30.51
C ASP D 34 -7.60 -7.43 29.74
N ALA D 35 -6.44 -7.22 29.10
CA ALA D 35 -6.25 -5.94 28.40
C ALA D 35 -7.02 -5.85 27.12
N ALA D 36 -7.44 -6.97 26.57
CA ALA D 36 -8.07 -6.91 25.25
C ALA D 36 -9.44 -6.32 25.48
N SER D 37 -9.75 -6.23 26.78
CA SER D 37 -11.23 -5.94 26.90
C SER D 37 -11.44 -4.49 27.05
N THR D 38 -10.38 -3.73 27.07
CA THR D 38 -10.46 -2.25 27.24
C THR D 38 -10.84 -1.57 25.96
N SER D 39 -11.26 -0.32 26.07
CA SER D 39 -11.78 0.38 24.86
C SER D 39 -10.58 0.82 24.04
N SER D 40 -10.96 1.50 22.97
CA SER D 40 -10.02 1.89 21.89
C SER D 40 -8.85 2.65 22.50
N ALA D 41 -7.73 2.64 21.78
CA ALA D 41 -6.53 3.23 22.28
C ALA D 41 -6.34 4.68 22.39
N GLY D 42 -6.87 5.75 21.90
CA GLY D 42 -6.08 7.10 22.33
C GLY D 42 -5.08 7.38 21.22
N GLN D 43 -4.91 8.72 20.90
CA GLN D 43 -4.20 9.10 19.64
C GLN D 43 -2.68 9.19 19.78
N SER D 44 -2.13 8.30 18.88
CA SER D 44 -0.72 8.13 18.77
C SER D 44 -0.04 9.48 19.09
N LEU D 45 -0.71 10.37 18.31
CA LEU D 45 -0.04 11.76 18.46
C LEU D 45 1.49 11.49 18.33
N SER D 46 1.73 10.45 17.33
CA SER D 46 3.19 10.24 17.08
C SER D 46 3.57 11.03 15.85
N MET D 47 3.20 10.59 14.66
CA MET D 47 3.39 11.39 13.46
C MET D 47 4.77 11.80 13.05
N ASP D 48 5.41 11.05 12.17
CA ASP D 48 6.71 11.35 11.63
C ASP D 48 6.85 10.76 10.23
N PRO D 49 6.52 11.59 9.28
CA PRO D 49 6.48 11.14 7.89
C PRO D 49 7.86 10.94 7.38
N SER D 50 8.88 11.32 7.97
CA SER D 50 10.20 11.22 7.31
C SER D 50 10.54 9.80 7.01
N LYS D 51 10.12 8.79 7.67
CA LYS D 51 10.57 7.44 7.20
C LYS D 51 10.05 7.15 5.80
N PHE D 52 8.95 7.73 5.43
CA PHE D 52 8.29 7.60 4.13
C PHE D 52 8.67 8.72 3.21
N THR D 53 8.77 9.94 3.62
CA THR D 53 9.02 11.05 2.67
C THR D 53 10.47 11.38 2.42
N GLU D 54 11.39 11.03 3.25
CA GLU D 54 12.78 11.32 3.12
C GLU D 54 13.65 10.20 3.61
N PRO D 55 13.51 9.01 3.03
CA PRO D 55 14.39 7.91 3.44
C PRO D 55 15.70 8.01 2.71
N VAL D 56 16.29 9.19 2.48
CA VAL D 56 17.59 9.21 1.75
C VAL D 56 18.75 9.03 2.70
N LYS D 57 19.84 8.49 2.25
CA LYS D 57 20.99 8.16 3.06
C LYS D 57 21.68 9.46 3.40
N ASP D 58 22.06 10.33 2.54
CA ASP D 58 22.67 11.60 2.85
C ASP D 58 21.50 12.65 2.79
N LEU D 59 21.38 13.32 3.90
CA LEU D 59 20.44 14.32 4.25
C LEU D 59 20.35 15.44 3.18
N MET D 60 19.14 15.75 2.86
CA MET D 60 18.91 16.78 1.83
C MET D 60 18.41 18.02 2.50
N LEU D 61 19.06 19.19 2.33
CA LEU D 61 18.44 20.43 2.89
C LEU D 61 17.65 21.24 1.95
N LYS D 62 16.46 21.56 2.30
CA LYS D 62 15.57 22.33 1.30
C LYS D 62 16.19 23.61 0.89
N GLY D 63 16.51 23.87 -0.38
CA GLY D 63 17.09 25.27 -0.59
C GLY D 63 18.50 25.04 -1.06
N ALA D 64 19.12 24.05 -0.50
CA ALA D 64 20.43 23.65 -1.08
C ALA D 64 20.10 22.86 -2.34
N PRO D 65 21.01 22.83 -3.29
CA PRO D 65 20.86 22.05 -4.51
C PRO D 65 20.62 20.57 -4.19
N ALA D 66 19.75 19.96 -4.92
CA ALA D 66 19.47 18.51 -4.81
C ALA D 66 20.70 17.69 -5.13
N LEU D 67 21.29 18.00 -6.28
CA LEU D 67 22.49 17.18 -6.69
C LEU D 67 23.63 18.19 -6.84
N ASN D 68 24.64 17.95 -6.13
CA ASN D 68 25.87 18.73 -5.98
C ASN D 68 26.92 18.01 -6.88
#